data_2PYE
#
_entry.id   2PYE
#
_cell.length_a   74.752
_cell.length_b   52.907
_cell.length_c   119.904
_cell.angle_alpha   90.00
_cell.angle_beta   97.94
_cell.angle_gamma   90.00
#
_symmetry.space_group_name_H-M   'P 1 21 1'
#
loop_
_entity.id
_entity.type
_entity.pdbx_description
1 polymer 'HLA class I histocompatibility antigen, A-2 alpha chain'
2 polymer Beta-2-microglobulin
3 polymer 'Cancer/testis antigen 1B'
4 polymer 'T-Cell Receptor, Alpha Chain'
5 polymer 'T-Cell Receptor, Beta Chain'
6 non-polymer 'SULFATE ION'
7 non-polymer 'TRIETHYLENE GLYCOL'
8 non-polymer 2-(2-(2-(2-(2-(2-ETHOXYETHOXY)ETHOXY)ETHOXY)ETHOXY)ETHOXY)ETHANOL
9 non-polymer GLYCEROL
10 water water
#
loop_
_entity_poly.entity_id
_entity_poly.type
_entity_poly.pdbx_seq_one_letter_code
_entity_poly.pdbx_strand_id
1 'polypeptide(L)'
;GSHSMRYFFTSVSRPGRGEPRFIAVGYVDDTQFVRFDSDAASQRMEPRAPWIEQEGPEYWDGETRKVKAHSQTHRVDLGT
LRGYYNQSEAGSHTVQRMYGCDVGSDWRFLRGYHQYAYDGKDYIALKEDLRSWTAADMAAQTTKHKWEAAHVAEQLRAYL
EGTCVEWLRRYLENGKETLQRTDAPKTHMTHHAVSDHEATLRCWALSFYPAEITLTWQRDGEDQTQDTELVETRPAGDGT
FQKWAAVVVPSGQEQRYTCHVQHEGLPKPLTLRWEP
;
A
2 'polypeptide(L)'
;MIQRTPKIQVYSRHPAENGKSNFLNCYVSGFHPSDIEVDLLKNGERIEKVEHSDLSFSKDWSFYLLYYTEFTPTEKDEYA
CRVNHVTLSQPCIVKWDRDM
;
B
3 'polypeptide(L)' SLLMWITQC C
4 'polypeptide(L)'
;MKQEVTQIPAALSVPEGENLVLNCSFTDSAIYNLQWFRQDPGKGLTSLLLIQSSQREQTSGRLNASLDKSSGSSTLYIAA
SQPGDSATYLCAVRPLLDGTYIPTFGRGTSLIVHPYIQNPDPAVYQLRDSKSSDKSVCLFTDFDSQTNVSQSKDSDVYIT
DKCVLDMRSMDFKSNSAVAWSNKSDFACANAFNNS
;
D
5 'polypeptide(L)'
;MGVTQTPKFQVLKTGQSMTLQCAQDMNHEYMSWYRQDPGMGLRLIHYSVGAGTTDQGEVPNGYNVSRSTIEDFPLRLLSA
APSQTSVYFCASSYLGNTGELFFGEGSRLTVLEDLKNVFPPEVAVFEPSEAEISHTQKATLVCLATGFYPDHVELSWWVN
GKEVHSGVCTDPQPLKEQPALNDSRYALSSRLRVSATFWQDPRNHFRCQVQFYGLSENDEWTQDRAKPVTQIVSAEAWGR
AD
;
E
#
# COMPACT_ATOMS: atom_id res chain seq x y z
N GLY A 1 15.42 -19.53 30.23
CA GLY A 1 15.07 -20.74 29.43
C GLY A 1 13.63 -20.70 28.92
N SER A 2 13.49 -20.46 27.61
CA SER A 2 12.19 -20.40 26.89
C SER A 2 11.74 -18.95 26.78
N HIS A 3 11.58 -18.47 25.53
CA HIS A 3 11.17 -17.07 25.28
C HIS A 3 10.16 -16.91 24.13
N SER A 4 9.63 -15.69 24.00
CA SER A 4 8.66 -15.39 22.96
C SER A 4 8.52 -13.92 22.65
N MET A 5 7.99 -13.62 21.45
CA MET A 5 7.72 -12.24 21.01
C MET A 5 6.28 -12.25 20.54
N ARG A 6 5.51 -11.25 20.98
CA ARG A 6 4.11 -11.13 20.65
C ARG A 6 3.68 -9.70 20.36
N TYR A 7 2.80 -9.53 19.36
CA TYR A 7 2.20 -8.22 19.02
C TYR A 7 0.69 -8.38 19.19
N PHE A 8 0.05 -7.42 19.87
CA PHE A 8 -1.40 -7.44 20.13
C PHE A 8 -2.04 -6.19 19.54
N PHE A 9 -3.08 -6.36 18.73
CA PHE A 9 -3.76 -5.22 18.06
C PHE A 9 -5.22 -5.17 18.41
N THR A 10 -5.72 -3.96 18.68
CA THR A 10 -7.10 -3.77 19.03
C THR A 10 -7.68 -2.52 18.34
N SER A 11 -8.68 -2.73 17.48
CA SER A 11 -9.36 -1.65 16.77
C SER A 11 -10.81 -1.65 17.22
N VAL A 12 -11.34 -0.47 17.57
CA VAL A 12 -12.72 -0.35 18.04
C VAL A 12 -13.46 0.77 17.30
N SER A 13 -14.64 0.46 16.75
CA SER A 13 -15.43 1.44 16.03
C SER A 13 -16.14 2.39 16.98
N ARG A 14 -16.38 3.60 16.48
CA ARG A 14 -17.05 4.66 17.22
C ARG A 14 -17.89 5.43 16.23
N PRO A 15 -19.00 4.84 15.76
CA PRO A 15 -19.86 5.53 14.81
C PRO A 15 -20.37 6.84 15.37
N GLY A 16 -20.18 7.93 14.64
CA GLY A 16 -20.62 9.26 15.08
C GLY A 16 -19.51 10.03 15.78
N ARG A 17 -18.72 9.31 16.60
CA ARG A 17 -17.61 9.90 17.35
C ARG A 17 -16.26 9.81 16.59
N GLY A 18 -16.29 10.04 15.28
CA GLY A 18 -15.09 10.02 14.45
C GLY A 18 -14.62 8.65 13.98
N GLU A 19 -13.39 8.62 13.47
CA GLU A 19 -12.76 7.39 12.97
C GLU A 19 -12.46 6.37 14.09
N PRO A 20 -12.23 5.08 13.73
CA PRO A 20 -11.96 4.06 14.77
C PRO A 20 -10.57 4.13 15.48
N ARG A 21 -10.61 3.89 16.79
CA ARG A 21 -9.44 3.90 17.68
C ARG A 21 -8.60 2.66 17.45
N PHE A 22 -7.28 2.85 17.32
CA PHE A 22 -6.37 1.73 17.08
C PHE A 22 -5.20 1.76 18.10
N ILE A 23 -5.00 0.63 18.79
CA ILE A 23 -3.95 0.48 19.80
C ILE A 23 -3.12 -0.77 19.49
N ALA A 24 -1.81 -0.63 19.55
CA ALA A 24 -0.91 -1.73 19.30
C ALA A 24 0.18 -1.74 20.37
N VAL A 25 0.51 -2.94 20.85
CA VAL A 25 1.55 -3.12 21.87
C VAL A 25 2.42 -4.33 21.52
N GLY A 26 3.70 -4.26 21.87
CA GLY A 26 4.63 -5.34 21.60
C GLY A 26 5.33 -5.81 22.86
N TYR A 27 5.40 -7.13 23.04
CA TYR A 27 6.02 -7.74 24.18
C TYR A 27 7.08 -8.75 23.83
N VAL A 28 8.06 -8.90 24.73
CA VAL A 28 9.09 -9.93 24.64
C VAL A 28 8.91 -10.55 26.03
N ASP A 29 8.61 -11.85 26.08
CA ASP A 29 8.35 -12.53 27.33
C ASP A 29 7.24 -11.74 28.05
N ASP A 30 7.49 -11.28 29.28
CA ASP A 30 6.50 -10.50 30.04
C ASP A 30 6.81 -9.03 30.13
N THR A 31 7.67 -8.54 29.23
CA THR A 31 8.11 -7.14 29.19
C THR A 31 7.60 -6.44 27.93
N GLN A 32 6.89 -5.33 28.10
CA GLN A 32 6.35 -4.55 26.97
C GLN A 32 7.43 -3.65 26.46
N PHE A 33 7.67 -3.68 25.15
CA PHE A 33 8.76 -2.85 24.58
C PHE A 33 8.33 -1.78 23.60
N VAL A 34 7.07 -1.86 23.08
CA VAL A 34 6.56 -0.83 22.13
C VAL A 34 5.09 -0.46 22.33
N ARG A 35 4.74 0.71 21.82
CA ARG A 35 3.41 1.27 21.92
C ARG A 35 3.05 2.08 20.70
N PHE A 36 1.75 2.15 20.42
CA PHE A 36 1.18 2.99 19.36
C PHE A 36 -0.30 3.21 19.67
N ASP A 37 -0.71 4.47 19.71
CA ASP A 37 -2.10 4.86 19.98
C ASP A 37 -2.53 5.88 18.92
N SER A 38 -3.53 5.51 18.10
CA SER A 38 -4.02 6.40 17.02
C SER A 38 -4.49 7.80 17.51
N ASP A 39 -4.96 7.88 18.75
CA ASP A 39 -5.42 9.15 19.33
C ASP A 39 -4.32 9.98 19.98
N ALA A 40 -3.14 9.40 20.22
CA ALA A 40 -2.04 10.14 20.85
C ALA A 40 -1.53 11.23 19.89
N ALA A 41 -0.94 12.29 20.44
CA ALA A 41 -0.43 13.43 19.64
C ALA A 41 0.88 13.20 18.88
N SER A 42 1.65 12.18 19.25
CA SER A 42 2.94 11.93 18.61
C SER A 42 2.87 11.35 17.21
N GLN A 43 1.99 10.36 17.04
CA GLN A 43 1.81 9.66 15.76
C GLN A 43 3.07 8.87 15.45
N ARG A 44 3.71 8.36 16.50
CA ARG A 44 4.92 7.57 16.38
C ARG A 44 4.79 6.27 17.18
N MET A 45 5.51 5.25 16.73
CA MET A 45 5.57 4.01 17.45
C MET A 45 6.50 4.46 18.59
N GLU A 46 6.14 4.20 19.84
CA GLU A 46 6.98 4.64 20.99
C GLU A 46 7.60 3.49 21.80
N PRO A 47 8.82 3.71 22.33
CA PRO A 47 9.55 2.75 23.15
C PRO A 47 9.02 2.67 24.58
N ARG A 48 8.88 1.45 25.08
CA ARG A 48 8.38 1.19 26.42
C ARG A 48 9.35 0.32 27.27
N ALA A 49 10.51 0.00 26.70
CA ALA A 49 11.53 -0.77 27.37
C ALA A 49 12.81 0.01 27.04
N PRO A 50 13.85 -0.05 27.89
CA PRO A 50 15.08 0.71 27.60
C PRO A 50 15.95 0.18 26.45
N TRP A 51 16.12 -1.13 26.39
CA TRP A 51 16.96 -1.77 25.35
C TRP A 51 16.57 -1.50 23.91
N ILE A 52 15.28 -1.32 23.66
CA ILE A 52 14.80 -1.07 22.30
C ILE A 52 15.21 0.32 21.78
N GLU A 53 15.63 1.21 22.70
CA GLU A 53 16.03 2.56 22.32
C GLU A 53 17.35 2.66 21.59
N GLN A 54 18.10 1.55 21.53
CA GLN A 54 19.38 1.56 20.82
C GLN A 54 19.16 1.41 19.29
N GLU A 55 17.92 1.13 18.86
CA GLU A 55 17.60 1.01 17.44
C GLU A 55 17.59 2.43 16.84
N GLY A 56 18.13 2.57 15.64
CA GLY A 56 18.22 3.87 14.95
C GLY A 56 16.92 4.39 14.38
N PRO A 57 16.99 5.55 13.69
CA PRO A 57 15.82 6.22 13.09
C PRO A 57 15.15 5.45 11.95
N GLU A 58 15.87 4.47 11.40
CA GLU A 58 15.38 3.65 10.29
C GLU A 58 14.28 2.76 10.85
N TYR A 59 14.59 2.12 11.97
CA TYR A 59 13.68 1.23 12.63
C TYR A 59 12.42 1.98 13.04
N TRP A 60 12.59 3.11 13.72
CA TRP A 60 11.44 3.89 14.19
C TRP A 60 10.53 4.42 13.07
N ASP A 61 11.12 4.82 11.94
CA ASP A 61 10.35 5.30 10.79
C ASP A 61 9.59 4.14 10.16
N GLY A 62 10.26 2.98 10.05
CA GLY A 62 9.69 1.78 9.47
C GLY A 62 8.59 1.16 10.30
N GLU A 63 8.77 1.12 11.61
CA GLU A 63 7.77 0.55 12.51
C GLU A 63 6.54 1.46 12.62
N THR A 64 6.76 2.76 12.51
CA THR A 64 5.68 3.73 12.58
C THR A 64 4.80 3.61 11.31
N ARG A 65 5.44 3.55 10.14
CA ARG A 65 4.73 3.43 8.86
C ARG A 65 4.03 2.06 8.79
N LYS A 66 4.68 1.00 9.27
CA LYS A 66 4.06 -0.31 9.29
C LYS A 66 2.89 -0.39 10.24
N VAL A 67 2.93 0.33 11.37
CA VAL A 67 1.81 0.26 12.31
C VAL A 67 0.65 1.17 11.81
N LYS A 68 0.96 2.21 11.02
CA LYS A 68 -0.09 3.10 10.46
C LYS A 68 -0.81 2.40 9.28
N ALA A 69 -0.08 1.51 8.58
CA ALA A 69 -0.65 0.76 7.47
C ALA A 69 -1.58 -0.27 8.09
N HIS A 70 -1.12 -0.91 9.18
CA HIS A 70 -1.92 -1.89 9.97
C HIS A 70 -3.26 -1.30 10.44
N SER A 71 -3.26 -0.07 10.94
CA SER A 71 -4.52 0.54 11.43
C SER A 71 -5.52 0.72 10.30
N GLN A 72 -5.07 1.31 9.19
CA GLN A 72 -5.95 1.52 8.03
C GLN A 72 -6.64 0.22 7.57
N THR A 73 -5.91 -0.90 7.56
CA THR A 73 -6.48 -2.20 7.16
C THR A 73 -7.59 -2.66 8.11
N HIS A 74 -7.33 -2.61 9.42
CA HIS A 74 -8.30 -3.01 10.47
C HIS A 74 -9.52 -2.14 10.46
N ARG A 75 -9.32 -0.89 10.03
CA ARG A 75 -10.38 0.08 9.94
C ARG A 75 -11.33 -0.31 8.79
N VAL A 76 -10.78 -0.92 7.73
CA VAL A 76 -11.58 -1.39 6.58
C VAL A 76 -12.31 -2.69 6.98
N ASP A 77 -11.62 -3.57 7.70
CA ASP A 77 -12.18 -4.83 8.17
C ASP A 77 -13.44 -4.63 9.04
N LEU A 78 -13.44 -3.59 9.88
CA LEU A 78 -14.59 -3.26 10.74
C LEU A 78 -15.86 -3.03 9.89
N GLY A 79 -15.69 -2.32 8.78
CA GLY A 79 -16.80 -2.03 7.86
C GLY A 79 -17.18 -3.28 7.08
N THR A 80 -16.17 -4.09 6.76
CA THR A 80 -16.34 -5.35 6.02
C THR A 80 -17.04 -6.45 6.85
N LEU A 81 -16.72 -6.57 8.13
CA LEU A 81 -17.34 -7.60 9.01
C LEU A 81 -18.78 -7.19 9.35
N ARG A 82 -18.99 -5.90 9.53
CA ARG A 82 -20.32 -5.38 9.79
C ARG A 82 -21.25 -5.82 8.63
N GLY A 83 -20.72 -5.76 7.41
CA GLY A 83 -21.45 -6.16 6.22
C GLY A 83 -21.70 -7.66 6.17
N TYR A 84 -20.68 -8.48 6.45
CA TYR A 84 -20.84 -9.97 6.43
C TYR A 84 -21.95 -10.43 7.38
N TYR A 85 -21.95 -9.86 8.58
CA TYR A 85 -22.95 -10.19 9.61
C TYR A 85 -24.23 -9.34 9.52
N ASN A 86 -24.31 -8.48 8.51
CA ASN A 86 -25.49 -7.59 8.29
C ASN A 86 -25.84 -6.87 9.60
N GLN A 87 -24.85 -6.15 10.12
CA GLN A 87 -24.99 -5.40 11.37
C GLN A 87 -25.23 -3.91 11.15
N SER A 88 -25.83 -3.28 12.16
CA SER A 88 -26.14 -1.86 12.12
C SER A 88 -24.88 -0.99 12.08
N GLU A 89 -25.05 0.17 11.45
CA GLU A 89 -24.00 1.15 11.28
C GLU A 89 -23.64 1.86 12.62
N ALA A 90 -24.64 2.01 13.50
CA ALA A 90 -24.48 2.71 14.79
C ALA A 90 -23.85 1.95 15.97
N GLY A 91 -23.78 0.63 15.90
CA GLY A 91 -23.19 -0.14 16.98
C GLY A 91 -21.66 -0.17 16.97
N SER A 92 -21.07 -0.20 18.16
CA SER A 92 -19.63 -0.25 18.34
C SER A 92 -19.18 -1.72 18.31
N HIS A 93 -18.14 -2.01 17.52
CA HIS A 93 -17.62 -3.36 17.41
C HIS A 93 -16.13 -3.39 17.55
N THR A 94 -15.61 -4.57 17.89
CA THR A 94 -14.19 -4.73 18.13
C THR A 94 -13.51 -5.80 17.26
N VAL A 95 -12.33 -5.44 16.76
CA VAL A 95 -11.48 -6.32 15.97
C VAL A 95 -10.14 -6.44 16.72
N GLN A 96 -9.66 -7.68 16.88
CA GLN A 96 -8.41 -7.98 17.56
C GLN A 96 -7.59 -8.97 16.76
N ARG A 97 -6.27 -8.85 16.86
CA ARG A 97 -5.33 -9.72 16.17
C ARG A 97 -4.08 -9.92 17.04
N MET A 98 -3.62 -11.16 17.12
CA MET A 98 -2.42 -11.48 17.85
C MET A 98 -1.56 -12.37 16.97
N TYR A 99 -0.28 -12.03 16.84
CA TYR A 99 0.67 -12.86 16.10
C TYR A 99 2.04 -12.78 16.80
N GLY A 100 2.80 -13.86 16.72
CA GLY A 100 4.10 -13.92 17.36
C GLY A 100 4.77 -15.28 17.25
N CYS A 101 5.81 -15.49 18.03
CA CYS A 101 6.55 -16.75 17.99
C CYS A 101 7.22 -17.15 19.33
N ASP A 102 7.40 -18.46 19.50
CA ASP A 102 8.04 -19.03 20.70
C ASP A 102 9.38 -19.65 20.33
N VAL A 103 10.31 -19.63 21.28
CA VAL A 103 11.62 -20.23 21.09
C VAL A 103 11.97 -21.00 22.37
N GLY A 104 12.67 -22.13 22.23
CA GLY A 104 13.05 -22.94 23.39
C GLY A 104 14.20 -22.34 24.16
N SER A 105 14.75 -23.12 25.11
CA SER A 105 15.88 -22.68 25.94
C SER A 105 17.14 -22.37 25.12
N ASP A 106 17.28 -23.07 23.99
CA ASP A 106 18.42 -22.91 23.08
C ASP A 106 18.17 -21.86 21.99
N TRP A 107 17.02 -21.16 22.09
CA TRP A 107 16.63 -20.11 21.14
C TRP A 107 16.13 -20.63 19.77
N ARG A 108 15.90 -21.95 19.67
CA ARG A 108 15.37 -22.53 18.43
C ARG A 108 13.85 -22.47 18.39
N PHE A 109 13.32 -22.32 17.19
CA PHE A 109 11.87 -22.20 16.95
C PHE A 109 11.05 -23.40 17.51
N LEU A 110 9.88 -23.09 18.10
CA LEU A 110 8.98 -24.10 18.65
C LEU A 110 7.57 -24.01 18.07
N ARG A 111 6.97 -22.83 18.18
CA ARG A 111 5.62 -22.59 17.74
C ARG A 111 5.48 -21.16 17.22
N GLY A 112 4.48 -20.97 16.34
CA GLY A 112 4.14 -19.67 15.75
C GLY A 112 2.63 -19.43 15.93
N TYR A 113 2.18 -18.18 15.81
CA TYR A 113 0.75 -17.86 15.97
C TYR A 113 0.28 -16.70 15.12
N HIS A 114 -0.99 -16.77 14.69
CA HIS A 114 -1.64 -15.68 13.95
C HIS A 114 -3.14 -15.89 14.09
N GLN A 115 -3.72 -15.19 15.05
CA GLN A 115 -5.14 -15.31 15.38
C GLN A 115 -5.87 -14.00 15.21
N TYR A 116 -7.17 -14.07 14.92
CA TYR A 116 -7.99 -12.90 14.69
C TYR A 116 -9.34 -13.10 15.38
N ALA A 117 -9.91 -12.03 15.93
CA ALA A 117 -11.19 -12.11 16.64
C ALA A 117 -12.13 -10.93 16.38
N TYR A 118 -13.43 -11.21 16.37
CA TYR A 118 -14.45 -10.18 16.17
C TYR A 118 -15.41 -10.19 17.37
N ASP A 119 -15.49 -9.06 18.06
CA ASP A 119 -16.35 -8.90 19.25
C ASP A 119 -15.99 -9.90 20.39
N GLY A 120 -14.68 -10.17 20.51
CA GLY A 120 -14.13 -11.06 21.54
C GLY A 120 -14.30 -12.55 21.29
N LYS A 121 -14.68 -12.93 20.06
CA LYS A 121 -14.88 -14.33 19.74
C LYS A 121 -13.94 -14.72 18.61
N ASP A 122 -13.50 -15.98 18.60
CA ASP A 122 -12.60 -16.48 17.55
C ASP A 122 -13.27 -16.37 16.20
N TYR A 123 -12.58 -15.74 15.25
CA TYR A 123 -13.10 -15.55 13.88
C TYR A 123 -12.36 -16.47 12.90
N ILE A 124 -11.05 -16.33 12.83
CA ILE A 124 -10.21 -17.17 11.98
C ILE A 124 -8.77 -17.17 12.54
N ALA A 125 -8.13 -18.35 12.48
CA ALA A 125 -6.76 -18.51 12.95
C ALA A 125 -6.02 -19.56 12.13
N LEU A 126 -4.70 -19.44 12.13
CA LEU A 126 -3.83 -20.36 11.44
C LEU A 126 -3.67 -21.52 12.41
N LYS A 127 -3.68 -22.77 11.93
CA LYS A 127 -3.53 -23.91 12.86
C LYS A 127 -2.17 -23.98 13.53
N GLU A 128 -2.13 -24.79 14.58
CA GLU A 128 -0.96 -25.00 15.41
C GLU A 128 0.36 -25.18 14.65
N ASP A 129 0.36 -26.00 13.61
CA ASP A 129 1.60 -26.24 12.82
C ASP A 129 1.85 -25.22 11.69
N LEU A 130 0.97 -24.23 11.57
CA LEU A 130 1.07 -23.15 10.57
C LEU A 130 0.73 -23.52 9.11
N ARG A 131 0.37 -24.79 8.84
CA ARG A 131 0.04 -25.14 7.45
C ARG A 131 -1.43 -25.09 6.97
N SER A 132 -2.37 -24.60 7.80
CA SER A 132 -3.78 -24.53 7.38
C SER A 132 -4.60 -23.56 8.22
N TRP A 133 -5.82 -23.22 7.77
CA TRP A 133 -6.68 -22.27 8.50
C TRP A 133 -7.85 -22.93 9.16
N THR A 134 -8.41 -22.23 10.14
CA THR A 134 -9.57 -22.66 10.91
C THR A 134 -10.57 -21.50 10.92
N ALA A 135 -11.68 -21.62 10.20
CA ALA A 135 -12.69 -20.57 10.15
C ALA A 135 -13.84 -20.94 11.08
N ALA A 136 -14.35 -19.95 11.81
CA ALA A 136 -15.44 -20.16 12.77
C ALA A 136 -16.84 -20.28 12.15
N ASP A 137 -17.12 -19.52 11.09
CA ASP A 137 -18.43 -19.53 10.46
C ASP A 137 -18.37 -19.21 8.95
N MET A 138 -19.51 -18.90 8.33
CA MET A 138 -19.59 -18.61 6.89
C MET A 138 -18.84 -17.33 6.46
N ALA A 139 -18.86 -16.31 7.31
CA ALA A 139 -18.15 -15.06 7.05
C ALA A 139 -16.64 -15.30 7.11
N ALA A 140 -16.21 -16.10 8.07
CA ALA A 140 -14.80 -16.43 8.23
C ALA A 140 -14.33 -17.25 7.03
N GLN A 141 -15.23 -18.08 6.50
CA GLN A 141 -14.94 -18.91 5.30
C GLN A 141 -14.72 -18.00 4.08
N THR A 142 -15.40 -16.86 4.07
CA THR A 142 -15.28 -15.88 2.98
C THR A 142 -13.92 -15.24 3.06
N THR A 143 -13.46 -14.97 4.28
CA THR A 143 -12.14 -14.39 4.55
C THR A 143 -11.10 -15.46 4.20
N LYS A 144 -11.31 -16.68 4.72
CA LYS A 144 -10.41 -17.81 4.48
C LYS A 144 -10.12 -18.01 2.97
N HIS A 145 -11.15 -17.86 2.13
CA HIS A 145 -10.99 -18.01 0.68
C HIS A 145 -10.19 -16.84 0.04
N LYS A 146 -10.37 -15.60 0.52
CA LYS A 146 -9.61 -14.46 -0.01
C LYS A 146 -8.13 -14.65 0.34
N TRP A 147 -7.91 -15.07 1.59
CA TRP A 147 -6.57 -15.33 2.12
C TRP A 147 -5.84 -16.46 1.37
N GLU A 148 -6.51 -17.58 1.14
CA GLU A 148 -5.84 -18.69 0.40
C GLU A 148 -5.60 -18.37 -1.12
N ALA A 149 -6.44 -17.50 -1.70
CA ALA A 149 -6.28 -17.08 -3.09
C ALA A 149 -5.13 -16.07 -3.18
N ALA A 150 -4.91 -15.35 -2.07
CA ALA A 150 -3.85 -14.34 -1.96
C ALA A 150 -2.58 -14.95 -1.34
N HIS A 151 -2.61 -16.26 -1.09
CA HIS A 151 -1.48 -17.01 -0.53
C HIS A 151 -0.89 -16.38 0.74
N VAL A 152 -1.78 -16.09 1.70
CA VAL A 152 -1.43 -15.47 2.98
C VAL A 152 -0.64 -16.42 3.92
N ALA A 153 -1.17 -17.62 4.14
CA ALA A 153 -0.52 -18.62 5.01
C ALA A 153 0.98 -18.77 4.77
N GLU A 154 1.39 -18.77 3.50
CA GLU A 154 2.80 -18.93 3.14
C GLU A 154 3.65 -17.71 3.50
N GLN A 155 3.01 -16.54 3.55
CA GLN A 155 3.69 -15.28 3.89
C GLN A 155 3.98 -15.23 5.39
N LEU A 156 2.97 -15.60 6.18
CA LEU A 156 3.08 -15.64 7.62
C LEU A 156 4.15 -16.62 8.13
N ARG A 157 4.13 -17.87 7.66
CA ARG A 157 5.14 -18.84 8.10
C ARG A 157 6.52 -18.29 7.92
N ALA A 158 6.79 -17.78 6.72
CA ALA A 158 8.09 -17.21 6.36
C ALA A 158 8.54 -16.19 7.39
N TYR A 159 7.58 -15.39 7.88
CA TYR A 159 7.84 -14.38 8.90
C TYR A 159 7.92 -14.97 10.31
N LEU A 160 7.00 -15.88 10.65
CA LEU A 160 6.97 -16.49 12.01
C LEU A 160 8.16 -17.39 12.32
N GLU A 161 8.61 -18.16 11.32
CA GLU A 161 9.77 -19.07 11.47
C GLU A 161 11.10 -18.41 11.13
N GLY A 162 11.05 -17.16 10.68
CA GLY A 162 12.26 -16.44 10.30
C GLY A 162 12.41 -15.09 10.94
N THR A 163 11.79 -14.07 10.34
CA THR A 163 11.90 -12.70 10.85
C THR A 163 11.50 -12.53 12.33
N CYS A 164 10.37 -13.11 12.72
CA CYS A 164 9.91 -13.04 14.10
C CYS A 164 11.02 -13.63 15.01
N VAL A 165 11.56 -14.80 14.63
CA VAL A 165 12.60 -15.46 15.40
C VAL A 165 13.95 -14.71 15.39
N GLU A 166 14.34 -14.16 14.23
CA GLU A 166 15.60 -13.42 14.11
C GLU A 166 15.61 -12.18 14.97
N TRP A 167 14.50 -11.44 14.99
CA TRP A 167 14.42 -10.24 15.84
C TRP A 167 14.29 -10.59 17.33
N LEU A 168 13.52 -11.64 17.67
CA LEU A 168 13.38 -12.03 19.08
C LEU A 168 14.76 -12.23 19.70
N ARG A 169 15.64 -12.91 18.99
CA ARG A 169 17.00 -13.15 19.46
C ARG A 169 17.76 -11.83 19.58
N ARG A 170 17.64 -10.97 18.57
CA ARG A 170 18.30 -9.65 18.56
C ARG A 170 17.89 -8.85 19.79
N TYR A 171 16.62 -8.96 20.17
CA TYR A 171 16.14 -8.24 21.33
C TYR A 171 16.64 -8.82 22.63
N LEU A 172 16.71 -10.15 22.70
CA LEU A 172 17.20 -10.85 23.92
C LEU A 172 18.65 -10.56 24.25
N GLU A 173 19.49 -10.44 23.22
CA GLU A 173 20.92 -10.18 23.40
C GLU A 173 21.18 -8.72 23.76
N ASN A 174 20.64 -7.79 22.95
CA ASN A 174 20.83 -6.35 23.18
C ASN A 174 20.25 -5.85 24.52
N GLY A 175 19.20 -6.52 25.00
CA GLY A 175 18.57 -6.18 26.27
C GLY A 175 18.73 -7.31 27.28
N LYS A 176 19.88 -8.01 27.21
CA LYS A 176 20.14 -9.14 28.10
C LYS A 176 20.27 -8.77 29.59
N GLU A 177 20.58 -7.51 29.87
CA GLU A 177 20.73 -7.07 31.26
C GLU A 177 19.37 -7.02 31.99
N THR A 178 18.27 -6.98 31.25
CA THR A 178 16.91 -6.95 31.85
C THR A 178 15.93 -8.03 31.32
N LEU A 179 16.23 -8.63 30.16
CA LEU A 179 15.37 -9.69 29.57
C LEU A 179 15.79 -11.10 29.99
N GLN A 180 17.09 -11.34 30.08
CA GLN A 180 17.59 -12.66 30.48
C GLN A 180 17.78 -12.75 32.00
N ARG A 181 17.33 -11.74 32.73
CA ARG A 181 17.42 -11.70 34.19
C ARG A 181 16.41 -12.64 34.80
N THR A 182 16.66 -13.02 36.05
CA THR A 182 15.78 -13.90 36.77
C THR A 182 15.72 -13.40 38.19
N ASP A 183 14.62 -12.72 38.53
CA ASP A 183 14.43 -12.18 39.87
C ASP A 183 13.62 -13.15 40.71
N ALA A 184 14.30 -13.81 41.65
CA ALA A 184 13.65 -14.76 42.55
C ALA A 184 12.66 -14.00 43.42
N PRO A 185 11.56 -14.65 43.81
CA PRO A 185 10.54 -13.99 44.63
C PRO A 185 10.93 -13.75 46.09
N LYS A 186 10.57 -12.57 46.60
CA LYS A 186 10.81 -12.24 48.00
C LYS A 186 9.55 -12.77 48.68
N THR A 187 9.72 -13.73 49.59
CA THR A 187 8.59 -14.37 50.24
C THR A 187 8.48 -14.25 51.76
N HIS A 188 7.24 -14.24 52.25
CA HIS A 188 6.97 -14.19 53.69
C HIS A 188 5.55 -14.70 53.92
N MET A 189 5.17 -14.93 55.18
CA MET A 189 3.81 -15.43 55.51
C MET A 189 3.18 -14.62 56.64
N THR A 190 1.89 -14.29 56.47
CA THR A 190 1.17 -13.51 57.47
C THR A 190 0.11 -14.37 58.18
N HIS A 191 -0.33 -13.89 59.35
CA HIS A 191 -1.29 -14.59 60.18
C HIS A 191 -2.41 -13.66 60.67
N HIS A 192 -3.64 -14.18 60.65
CA HIS A 192 -4.82 -13.43 61.12
C HIS A 192 -5.81 -14.30 61.88
N ALA A 193 -5.96 -14.04 63.18
CA ALA A 193 -6.92 -14.76 64.00
C ALA A 193 -8.29 -14.26 63.55
N VAL A 194 -8.91 -15.02 62.64
CA VAL A 194 -10.22 -14.67 62.09
C VAL A 194 -11.35 -14.66 63.14
N SER A 195 -11.35 -15.61 64.06
CA SER A 195 -12.40 -15.68 65.10
C SER A 195 -12.06 -16.66 66.24
N ASP A 196 -13.05 -16.94 67.08
CA ASP A 196 -12.94 -17.88 68.21
C ASP A 196 -12.27 -19.24 67.92
N HIS A 197 -12.51 -19.79 66.72
CA HIS A 197 -11.93 -21.09 66.30
C HIS A 197 -11.11 -21.07 64.99
N GLU A 198 -11.18 -19.96 64.24
CA GLU A 198 -10.51 -19.84 62.94
C GLU A 198 -9.19 -19.07 62.98
N ALA A 199 -8.41 -19.23 61.91
CA ALA A 199 -7.12 -18.56 61.73
C ALA A 199 -6.76 -18.59 60.23
N THR A 200 -6.20 -17.50 59.72
CA THR A 200 -5.83 -17.43 58.28
C THR A 200 -4.36 -17.18 58.07
N LEU A 201 -3.75 -18.06 57.26
CA LEU A 201 -2.33 -17.97 56.89
C LEU A 201 -2.31 -17.50 55.45
N ARG A 202 -1.43 -16.54 55.14
CA ARG A 202 -1.30 -15.94 53.81
C ARG A 202 0.16 -16.06 53.36
N CYS A 203 0.42 -16.77 52.27
CA CYS A 203 1.77 -16.97 51.75
C CYS A 203 2.02 -16.04 50.56
N TRP A 204 3.05 -15.18 50.68
CA TRP A 204 3.40 -14.19 49.63
C TRP A 204 4.60 -14.53 48.73
N ALA A 205 4.67 -13.79 47.63
CA ALA A 205 5.72 -13.87 46.62
C ALA A 205 5.68 -12.49 45.94
N LEU A 206 6.71 -11.69 46.16
CA LEU A 206 6.77 -10.32 45.60
C LEU A 206 8.09 -10.09 44.84
N SER A 207 8.09 -9.12 43.92
CA SER A 207 9.28 -8.76 43.11
C SER A 207 9.91 -9.85 42.24
N PHE A 208 9.09 -10.73 41.67
CA PHE A 208 9.65 -11.81 40.84
C PHE A 208 9.48 -11.60 39.34
N TYR A 209 10.38 -12.20 38.57
CA TYR A 209 10.36 -12.12 37.11
C TYR A 209 11.12 -13.32 36.56
N PRO A 210 10.55 -14.01 35.53
CA PRO A 210 9.28 -13.79 34.80
C PRO A 210 8.03 -14.12 35.63
N ALA A 211 6.85 -13.77 35.12
CA ALA A 211 5.57 -13.99 35.81
C ALA A 211 5.20 -15.46 36.17
N GLU A 212 5.83 -16.45 35.52
CA GLU A 212 5.59 -17.90 35.81
C GLU A 212 5.92 -18.28 37.22
N ILE A 213 4.94 -18.79 37.96
CA ILE A 213 5.16 -19.20 39.34
C ILE A 213 4.03 -20.12 39.79
N THR A 214 4.32 -21.00 40.74
CA THR A 214 3.32 -21.91 41.31
C THR A 214 3.33 -21.76 42.82
N LEU A 215 2.17 -21.57 43.41
CA LEU A 215 2.02 -21.45 44.86
C LEU A 215 1.02 -22.51 45.33
N THR A 216 1.49 -23.47 46.11
CA THR A 216 0.63 -24.54 46.62
C THR A 216 0.80 -24.75 48.11
N TRP A 217 -0.23 -25.33 48.74
CA TRP A 217 -0.24 -25.65 50.16
C TRP A 217 -0.24 -27.14 50.36
N GLN A 218 0.21 -27.57 51.53
CA GLN A 218 0.22 -28.97 51.89
C GLN A 218 -0.07 -29.12 53.38
N ARG A 219 -0.90 -30.10 53.71
CA ARG A 219 -1.28 -30.40 55.09
C ARG A 219 -0.73 -31.79 55.38
N ASP A 220 0.32 -31.86 56.19
CA ASP A 220 0.95 -33.13 56.54
C ASP A 220 1.54 -33.82 55.29
N GLY A 221 2.11 -33.00 54.40
CA GLY A 221 2.73 -33.50 53.15
C GLY A 221 1.79 -33.83 52.00
N GLU A 222 0.49 -33.55 52.16
CA GLU A 222 -0.52 -33.82 51.13
C GLU A 222 -1.10 -32.49 50.60
N ASP A 223 -1.24 -32.37 49.27
CA ASP A 223 -1.78 -31.13 48.66
C ASP A 223 -3.12 -30.73 49.27
N GLN A 224 -3.09 -29.69 50.10
CA GLN A 224 -4.27 -29.16 50.76
C GLN A 224 -4.83 -28.03 49.92
N THR A 225 -6.04 -28.23 49.39
CA THR A 225 -6.71 -27.24 48.58
C THR A 225 -8.05 -26.77 49.22
N GLN A 226 -8.50 -27.48 50.25
CA GLN A 226 -9.76 -27.14 50.96
C GLN A 226 -9.56 -25.84 51.76
N ASP A 227 -10.56 -24.94 51.69
CA ASP A 227 -10.55 -23.63 52.39
C ASP A 227 -9.37 -22.72 51.98
N THR A 228 -8.87 -22.89 50.75
CA THR A 228 -7.74 -22.10 50.25
C THR A 228 -8.18 -21.11 49.19
N GLU A 229 -7.35 -20.11 48.94
CA GLU A 229 -7.63 -19.06 47.95
C GLU A 229 -6.33 -18.67 47.29
N LEU A 230 -6.29 -18.79 45.96
CA LEU A 230 -5.12 -18.46 45.16
C LEU A 230 -5.52 -17.31 44.20
N VAL A 231 -4.86 -16.16 44.27
CA VAL A 231 -5.22 -15.03 43.37
C VAL A 231 -4.42 -15.07 42.05
N GLU A 232 -4.94 -14.36 41.05
CA GLU A 232 -4.31 -14.27 39.75
C GLU A 232 -3.00 -13.50 39.88
N THR A 233 -1.99 -13.89 39.09
CA THR A 233 -0.71 -13.20 39.11
C THR A 233 -1.00 -11.78 38.66
N ARG A 234 -0.42 -10.82 39.36
CA ARG A 234 -0.66 -9.39 39.07
C ARG A 234 0.62 -8.59 38.98
N PRO A 235 0.62 -7.52 38.18
CA PRO A 235 1.85 -6.72 38.06
C PRO A 235 2.02 -5.64 39.17
N ALA A 236 3.26 -5.48 39.64
CA ALA A 236 3.60 -4.49 40.69
C ALA A 236 3.69 -3.05 40.17
N GLY A 237 4.02 -2.91 38.89
CA GLY A 237 4.14 -1.59 38.27
C GLY A 237 5.58 -1.18 37.99
N ASP A 238 6.51 -2.09 38.24
CA ASP A 238 7.95 -1.83 38.05
C ASP A 238 8.67 -2.92 37.24
N GLY A 239 7.91 -3.76 36.53
CA GLY A 239 8.48 -4.85 35.75
C GLY A 239 8.41 -6.20 36.45
N THR A 240 8.06 -6.19 37.74
CA THR A 240 7.99 -7.42 38.54
C THR A 240 6.54 -7.83 38.78
N PHE A 241 6.35 -9.03 39.34
CA PHE A 241 5.01 -9.54 39.57
C PHE A 241 4.79 -10.01 40.99
N GLN A 242 3.50 -10.13 41.36
CA GLN A 242 3.10 -10.52 42.70
C GLN A 242 2.05 -11.62 42.65
N LYS A 243 1.88 -12.33 43.77
CA LYS A 243 0.87 -13.39 43.87
C LYS A 243 0.80 -13.90 45.32
N TRP A 244 -0.36 -14.41 45.73
CA TRP A 244 -0.52 -14.96 47.07
C TRP A 244 -1.57 -16.07 47.17
N ALA A 245 -1.27 -17.03 48.05
CA ALA A 245 -2.14 -18.16 48.34
C ALA A 245 -2.44 -18.05 49.82
N ALA A 246 -3.71 -18.17 50.18
CA ALA A 246 -4.13 -18.08 51.57
C ALA A 246 -4.96 -19.28 51.96
N VAL A 247 -4.84 -19.72 53.20
CA VAL A 247 -5.61 -20.88 53.70
C VAL A 247 -6.20 -20.58 55.08
N VAL A 248 -7.41 -21.11 55.35
CA VAL A 248 -8.06 -20.92 56.64
C VAL A 248 -7.89 -22.22 57.40
N VAL A 249 -7.17 -22.15 58.54
CA VAL A 249 -6.87 -23.33 59.36
C VAL A 249 -7.57 -23.33 60.74
N PRO A 250 -7.74 -24.53 61.36
CA PRO A 250 -8.34 -24.55 62.70
C PRO A 250 -7.37 -23.93 63.70
N SER A 251 -7.86 -23.06 64.58
CA SER A 251 -7.02 -22.38 65.58
C SER A 251 -6.16 -23.34 66.41
N GLY A 252 -4.84 -23.12 66.38
CA GLY A 252 -3.89 -23.94 67.12
C GLY A 252 -3.16 -25.00 66.31
N GLN A 253 -3.65 -25.28 65.10
CA GLN A 253 -3.03 -26.30 64.24
C GLN A 253 -2.34 -25.73 63.00
N GLU A 254 -1.96 -24.44 63.02
CA GLU A 254 -1.32 -23.83 61.83
C GLU A 254 0.08 -24.32 61.43
N GLN A 255 0.81 -24.97 62.34
CA GLN A 255 2.14 -25.46 61.94
C GLN A 255 2.08 -26.75 61.10
N ARG A 256 0.89 -27.33 60.91
CA ARG A 256 0.72 -28.52 60.07
C ARG A 256 0.64 -28.16 58.59
N TYR A 257 0.47 -26.87 58.30
CA TYR A 257 0.37 -26.35 56.94
C TYR A 257 1.70 -25.74 56.46
N THR A 258 1.98 -25.90 55.16
CA THR A 258 3.20 -25.38 54.55
C THR A 258 2.95 -24.87 53.13
N CYS A 259 3.61 -23.76 52.78
CA CYS A 259 3.49 -23.15 51.46
C CYS A 259 4.74 -23.48 50.62
N HIS A 260 4.52 -23.87 49.36
CA HIS A 260 5.61 -24.23 48.45
C HIS A 260 5.66 -23.30 47.24
N VAL A 261 6.79 -22.61 47.05
CA VAL A 261 6.95 -21.65 45.93
C VAL A 261 7.97 -22.11 44.90
N GLN A 262 7.49 -22.33 43.67
CA GLN A 262 8.34 -22.76 42.54
C GLN A 262 8.47 -21.62 41.54
N HIS A 263 9.70 -21.30 41.17
CA HIS A 263 9.98 -20.23 40.23
C HIS A 263 11.38 -20.48 39.59
N GLU A 264 11.57 -19.97 38.38
CA GLU A 264 12.84 -20.12 37.63
C GLU A 264 14.08 -19.53 38.33
N GLY A 265 13.88 -18.50 39.17
CA GLY A 265 14.99 -17.84 39.88
C GLY A 265 15.44 -18.55 41.13
N LEU A 266 14.65 -19.51 41.59
CA LEU A 266 14.97 -20.27 42.78
C LEU A 266 15.70 -21.57 42.38
N PRO A 267 17.00 -21.69 42.71
CA PRO A 267 17.70 -22.93 42.38
C PRO A 267 16.91 -24.13 42.90
N LYS A 268 16.49 -24.05 44.17
CA LYS A 268 15.70 -25.07 44.81
C LYS A 268 14.39 -24.41 45.30
N PRO A 269 13.24 -25.08 45.12
CA PRO A 269 11.95 -24.54 45.56
C PRO A 269 11.88 -24.22 47.08
N LEU A 270 11.32 -23.08 47.42
CA LEU A 270 11.19 -22.65 48.82
C LEU A 270 9.97 -23.25 49.49
N THR A 271 10.13 -23.62 50.76
CA THR A 271 9.05 -24.20 51.56
C THR A 271 8.85 -23.30 52.79
N LEU A 272 7.78 -22.51 52.80
CA LEU A 272 7.49 -21.63 53.92
C LEU A 272 6.57 -22.30 54.94
N ARG A 273 6.78 -22.00 56.22
CA ARG A 273 5.98 -22.55 57.30
C ARG A 273 5.80 -21.42 58.31
N TRP A 274 4.69 -21.45 59.05
CA TRP A 274 4.41 -20.41 60.06
C TRP A 274 5.26 -20.54 61.33
N GLU A 275 6.14 -19.55 61.52
CA GLU A 275 7.03 -19.47 62.66
C GLU A 275 6.68 -18.06 63.19
N PRO A 276 5.99 -17.97 64.35
CA PRO A 276 5.57 -16.68 64.96
C PRO A 276 6.58 -15.53 64.85
N MET B 1 -22.58 -8.52 22.40
CA MET B 1 -22.52 -9.81 21.66
C MET B 1 -22.04 -10.85 22.67
N ILE B 2 -20.74 -10.75 23.00
CA ILE B 2 -20.07 -11.61 23.97
C ILE B 2 -19.38 -10.63 24.91
N GLN B 3 -19.96 -10.47 26.10
CA GLN B 3 -19.43 -9.55 27.10
C GLN B 3 -19.07 -10.25 28.40
N ARG B 4 -17.94 -9.85 28.99
CA ARG B 4 -17.47 -10.42 30.24
C ARG B 4 -17.08 -9.36 31.29
N THR B 5 -17.64 -9.52 32.48
CA THR B 5 -17.40 -8.61 33.60
C THR B 5 -15.96 -8.70 34.11
N PRO B 6 -15.34 -7.54 34.43
CA PRO B 6 -13.96 -7.52 34.92
C PRO B 6 -13.72 -8.09 36.31
N LYS B 7 -12.49 -8.57 36.52
CA LYS B 7 -12.04 -9.05 37.80
C LYS B 7 -11.24 -7.85 38.30
N ILE B 8 -11.27 -7.60 39.60
CA ILE B 8 -10.58 -6.46 40.18
C ILE B 8 -9.73 -6.82 41.39
N GLN B 9 -8.57 -6.15 41.49
CA GLN B 9 -7.68 -6.31 42.64
C GLN B 9 -7.06 -4.94 42.92
N VAL B 10 -7.16 -4.48 44.17
CA VAL B 10 -6.58 -3.23 44.62
C VAL B 10 -5.41 -3.64 45.54
N TYR B 11 -4.27 -2.96 45.42
CA TYR B 11 -3.08 -3.28 46.22
C TYR B 11 -1.95 -2.24 46.04
N SER B 12 -0.86 -2.41 46.79
CA SER B 12 0.30 -1.50 46.73
C SER B 12 1.50 -2.16 46.02
N ARG B 13 2.33 -1.34 45.38
CA ARG B 13 3.55 -1.81 44.68
C ARG B 13 4.53 -2.44 45.65
N HIS B 14 4.76 -1.76 46.78
CA HIS B 14 5.67 -2.24 47.81
C HIS B 14 4.86 -2.57 49.07
N PRO B 15 5.40 -3.42 49.97
CA PRO B 15 4.69 -3.74 51.21
C PRO B 15 4.29 -2.45 51.94
N ALA B 16 3.06 -2.38 52.44
CA ALA B 16 2.56 -1.15 53.11
C ALA B 16 3.20 -0.87 54.49
N GLU B 17 3.63 0.39 54.65
CA GLU B 17 4.24 0.87 55.89
C GLU B 17 3.76 2.28 56.08
N ASN B 18 2.94 2.48 57.09
CA ASN B 18 2.36 3.78 57.40
C ASN B 18 3.38 4.92 57.44
N GLY B 19 3.02 6.04 56.80
CA GLY B 19 3.88 7.20 56.74
C GLY B 19 4.98 7.18 55.69
N LYS B 20 5.01 6.12 54.86
CA LYS B 20 5.99 6.00 53.80
C LYS B 20 5.28 6.08 52.45
N SER B 21 5.92 6.73 51.47
CA SER B 21 5.32 6.87 50.14
C SER B 21 5.33 5.53 49.43
N ASN B 22 4.32 5.29 48.60
CA ASN B 22 4.17 4.04 47.90
C ASN B 22 3.30 4.36 46.67
N PHE B 23 2.84 3.33 45.94
CA PHE B 23 1.96 3.49 44.79
C PHE B 23 0.73 2.60 44.99
N LEU B 24 -0.46 3.18 44.76
CA LEU B 24 -1.74 2.43 44.89
C LEU B 24 -2.15 1.92 43.49
N ASN B 25 -2.31 0.60 43.36
CA ASN B 25 -2.67 -0.05 42.12
C ASN B 25 -4.11 -0.61 42.07
N CYS B 26 -4.67 -0.65 40.88
CA CYS B 26 -5.99 -1.26 40.65
C CYS B 26 -5.81 -1.98 39.34
N TYR B 27 -5.83 -3.31 39.41
CA TYR B 27 -5.65 -4.14 38.24
C TYR B 27 -6.97 -4.75 37.76
N VAL B 28 -7.49 -4.23 36.64
CA VAL B 28 -8.74 -4.73 36.04
C VAL B 28 -8.41 -5.66 34.87
N SER B 29 -9.03 -6.84 34.85
CA SER B 29 -8.79 -7.80 33.80
C SER B 29 -9.97 -8.74 33.56
N GLY B 30 -9.89 -9.52 32.48
CA GLY B 30 -10.93 -10.48 32.11
C GLY B 30 -12.21 -9.90 31.59
N PHE B 31 -12.17 -8.71 31.02
CA PHE B 31 -13.38 -8.06 30.53
C PHE B 31 -13.43 -7.81 29.00
N HIS B 32 -14.64 -7.58 28.50
CA HIS B 32 -14.82 -7.31 27.10
C HIS B 32 -16.19 -6.66 26.99
N PRO B 33 -16.31 -5.55 26.21
CA PRO B 33 -15.31 -4.80 25.42
C PRO B 33 -14.35 -3.95 26.27
N SER B 34 -13.37 -3.31 25.62
CA SER B 34 -12.33 -2.51 26.33
C SER B 34 -12.74 -1.19 27.01
N ASP B 35 -13.89 -0.63 26.66
CA ASP B 35 -14.31 0.64 27.27
C ASP B 35 -14.61 0.39 28.76
N ILE B 36 -13.82 0.99 29.63
CA ILE B 36 -13.96 0.81 31.07
C ILE B 36 -13.59 2.07 31.84
N GLU B 37 -14.32 2.36 32.90
CA GLU B 37 -14.07 3.54 33.71
C GLU B 37 -13.52 3.10 35.05
N VAL B 38 -12.28 3.55 35.39
CA VAL B 38 -11.63 3.17 36.65
C VAL B 38 -11.10 4.40 37.41
N ASP B 39 -11.46 4.46 38.70
CA ASP B 39 -11.04 5.56 39.60
C ASP B 39 -10.48 5.03 40.91
N LEU B 40 -9.57 5.81 41.48
CA LEU B 40 -8.99 5.48 42.77
C LEU B 40 -9.57 6.51 43.75
N LEU B 41 -10.10 6.00 44.87
CA LEU B 41 -10.72 6.83 45.90
C LEU B 41 -9.89 6.90 47.18
N LYS B 42 -10.03 8.01 47.88
CA LYS B 42 -9.36 8.24 49.18
C LYS B 42 -10.44 8.83 50.05
N ASN B 43 -10.95 8.04 51.01
CA ASN B 43 -12.02 8.49 51.90
C ASN B 43 -13.25 8.89 51.07
N GLY B 44 -13.57 8.08 50.05
CA GLY B 44 -14.73 8.32 49.17
C GLY B 44 -14.45 9.19 47.96
N GLU B 45 -13.68 10.27 48.17
CA GLU B 45 -13.33 11.23 47.09
C GLU B 45 -12.29 10.67 46.10
N ARG B 46 -12.50 10.89 44.80
CA ARG B 46 -11.58 10.34 43.79
C ARG B 46 -10.30 11.17 43.64
N ILE B 47 -9.21 10.47 43.34
CA ILE B 47 -7.89 11.06 43.16
C ILE B 47 -7.73 11.58 41.73
N GLU B 48 -7.11 12.75 41.60
CA GLU B 48 -6.94 13.42 40.29
C GLU B 48 -5.91 12.84 39.31
N LYS B 49 -4.65 12.73 39.73
CA LYS B 49 -3.59 12.23 38.84
C LYS B 49 -3.38 10.72 38.89
N VAL B 50 -4.18 10.00 38.09
CA VAL B 50 -4.10 8.55 37.98
C VAL B 50 -3.72 8.17 36.57
N GLU B 51 -2.69 7.36 36.44
CA GLU B 51 -2.20 6.91 35.14
C GLU B 51 -2.50 5.43 34.94
N HIS B 52 -2.36 4.94 33.70
CA HIS B 52 -2.62 3.53 33.39
C HIS B 52 -1.75 2.97 32.26
N SER B 53 -1.70 1.64 32.19
CA SER B 53 -0.92 0.93 31.20
C SER B 53 -1.55 0.98 29.83
N ASP B 54 -0.85 0.45 28.82
CA ASP B 54 -1.31 0.39 27.43
C ASP B 54 -2.20 -0.84 27.26
N LEU B 55 -3.39 -0.62 26.68
CA LEU B 55 -4.37 -1.70 26.46
C LEU B 55 -3.80 -2.93 25.78
N SER B 56 -3.92 -4.07 26.46
CA SER B 56 -3.43 -5.33 25.94
C SER B 56 -4.45 -6.39 26.28
N PHE B 57 -4.24 -7.62 25.80
CA PHE B 57 -5.20 -8.68 26.09
C PHE B 57 -4.60 -10.07 26.28
N SER B 58 -5.44 -10.95 26.81
CA SER B 58 -5.08 -12.32 27.10
C SER B 58 -5.46 -13.29 25.97
N LYS B 59 -5.01 -14.53 26.15
CA LYS B 59 -5.24 -15.64 25.22
C LYS B 59 -6.71 -15.82 24.80
N ASP B 60 -7.65 -15.66 25.74
CA ASP B 60 -9.09 -15.82 25.45
C ASP B 60 -9.74 -14.53 24.92
N TRP B 61 -8.91 -13.54 24.59
CA TRP B 61 -9.33 -12.23 24.05
C TRP B 61 -9.80 -11.18 25.07
N SER B 62 -9.81 -11.53 26.34
CA SER B 62 -10.23 -10.60 27.40
C SER B 62 -9.15 -9.54 27.68
N PHE B 63 -9.57 -8.31 28.01
CA PHE B 63 -8.61 -7.19 28.24
C PHE B 63 -8.11 -7.05 29.67
N TYR B 64 -6.97 -6.37 29.80
CA TYR B 64 -6.38 -6.09 31.11
C TYR B 64 -5.70 -4.71 31.14
N LEU B 65 -5.84 -4.04 32.27
CA LEU B 65 -5.28 -2.68 32.50
C LEU B 65 -4.88 -2.44 33.94
N LEU B 66 -3.79 -1.67 34.14
CA LEU B 66 -3.30 -1.32 35.48
C LEU B 66 -3.42 0.18 35.70
N TYR B 67 -4.20 0.58 36.69
CA TYR B 67 -4.35 1.99 37.07
C TYR B 67 -3.51 2.16 38.33
N TYR B 68 -2.76 3.25 38.44
CA TYR B 68 -1.91 3.46 39.60
C TYR B 68 -1.67 4.92 39.95
N THR B 69 -1.27 5.18 41.21
CA THR B 69 -1.02 6.54 41.66
C THR B 69 -0.24 6.58 43.00
N GLU B 70 0.56 7.63 43.20
CA GLU B 70 1.35 7.80 44.42
C GLU B 70 0.45 7.97 45.65
N PHE B 71 0.80 7.33 46.77
CA PHE B 71 0.00 7.49 48.00
C PHE B 71 0.89 7.23 49.24
N THR B 72 0.41 7.68 50.41
CA THR B 72 1.11 7.47 51.69
C THR B 72 0.08 6.79 52.61
N PRO B 73 0.13 5.46 52.69
CA PRO B 73 -0.84 4.79 53.56
C PRO B 73 -0.73 5.18 55.04
N THR B 74 -1.86 5.16 55.74
CA THR B 74 -1.94 5.45 57.17
C THR B 74 -2.87 4.43 57.81
N GLU B 75 -2.96 4.44 59.13
CA GLU B 75 -3.82 3.51 59.85
C GLU B 75 -5.33 3.79 59.67
N LYS B 76 -5.71 5.04 59.42
CA LYS B 76 -7.13 5.41 59.31
C LYS B 76 -7.68 5.81 57.92
N ASP B 77 -6.81 6.20 57.00
CA ASP B 77 -7.27 6.57 55.65
C ASP B 77 -7.72 5.33 54.88
N GLU B 78 -8.90 5.43 54.25
CA GLU B 78 -9.48 4.33 53.46
C GLU B 78 -9.30 4.58 51.98
N TYR B 79 -8.74 3.59 51.28
CA TYR B 79 -8.51 3.65 49.83
C TYR B 79 -9.30 2.56 49.11
N ALA B 80 -9.93 2.91 48.00
CA ALA B 80 -10.72 1.96 47.23
C ALA B 80 -10.59 2.21 45.73
N CYS B 81 -11.07 1.25 44.94
CA CYS B 81 -11.06 1.34 43.49
C CYS B 81 -12.49 1.23 43.00
N ARG B 82 -12.94 2.21 42.22
CA ARG B 82 -14.29 2.24 41.67
C ARG B 82 -14.19 1.91 40.19
N VAL B 83 -14.97 0.91 39.74
CA VAL B 83 -14.98 0.45 38.36
C VAL B 83 -16.38 0.46 37.75
N ASN B 84 -16.46 0.82 36.47
CA ASN B 84 -17.75 0.83 35.77
C ASN B 84 -17.52 0.20 34.40
N HIS B 85 -18.52 -0.53 33.90
CA HIS B 85 -18.39 -1.23 32.63
C HIS B 85 -19.79 -1.52 32.07
N VAL B 86 -19.87 -1.85 30.79
CA VAL B 86 -21.17 -2.16 30.15
C VAL B 86 -21.89 -3.32 30.84
N THR B 87 -21.11 -4.28 31.35
CA THR B 87 -21.62 -5.45 32.05
C THR B 87 -22.13 -5.13 33.45
N LEU B 88 -21.51 -4.16 34.10
CA LEU B 88 -21.92 -3.78 35.45
C LEU B 88 -23.12 -2.83 35.42
N SER B 89 -24.23 -3.30 35.99
CA SER B 89 -25.44 -2.52 36.07
C SER B 89 -25.33 -1.49 37.20
N GLN B 90 -24.36 -1.71 38.10
CA GLN B 90 -24.08 -0.83 39.23
C GLN B 90 -22.54 -0.64 39.34
N PRO B 91 -22.07 0.60 39.60
CA PRO B 91 -20.61 0.78 39.73
C PRO B 91 -20.09 -0.07 40.88
N CYS B 92 -18.99 -0.78 40.64
CA CYS B 92 -18.43 -1.68 41.65
C CYS B 92 -17.21 -1.09 42.40
N ILE B 93 -17.37 -0.91 43.72
CA ILE B 93 -16.30 -0.37 44.57
C ILE B 93 -15.58 -1.51 45.27
N VAL B 94 -14.26 -1.47 45.29
CA VAL B 94 -13.46 -2.49 45.97
C VAL B 94 -12.42 -1.79 46.87
N LYS B 95 -12.54 -2.01 48.18
CA LYS B 95 -11.66 -1.40 49.15
C LYS B 95 -10.27 -2.04 49.22
N TRP B 96 -9.28 -1.21 49.56
CA TRP B 96 -7.91 -1.67 49.70
C TRP B 96 -7.64 -2.17 51.12
N ASP B 97 -7.08 -3.38 51.18
CA ASP B 97 -6.70 -4.04 52.44
C ASP B 97 -5.19 -4.27 52.31
N ARG B 98 -4.42 -3.80 53.30
CA ARG B 98 -2.96 -3.91 53.28
C ARG B 98 -2.42 -5.35 53.21
N ASP B 99 -3.19 -6.35 53.69
CA ASP B 99 -2.71 -7.73 53.62
C ASP B 99 -3.40 -8.51 52.50
N MET B 100 -3.69 -7.83 51.40
CA MET B 100 -4.29 -8.46 50.20
C MET B 100 -3.74 -7.78 48.94
N SER C 1 9.87 -6.80 15.73
CA SER C 1 9.64 -6.03 14.48
C SER C 1 8.39 -6.53 13.74
N LEU C 2 7.46 -5.62 13.50
CA LEU C 2 6.18 -5.93 12.83
C LEU C 2 6.23 -6.59 11.45
N LEU C 3 5.12 -7.26 11.15
CA LEU C 3 4.88 -7.89 9.90
C LEU C 3 4.57 -6.64 9.04
N MET C 4 4.97 -6.66 7.77
CA MET C 4 4.76 -5.50 6.89
C MET C 4 3.45 -5.48 6.10
N TRP C 5 3.12 -6.60 5.47
CA TRP C 5 1.93 -6.69 4.65
C TRP C 5 0.81 -7.44 5.35
N ILE C 6 -0.39 -6.87 5.34
CA ILE C 6 -1.57 -7.46 5.98
C ILE C 6 -2.75 -7.44 5.00
N THR C 7 -3.30 -8.62 4.69
CA THR C 7 -4.43 -8.74 3.75
C THR C 7 -5.78 -8.52 4.45
N GLN C 8 -6.66 -7.76 3.81
CA GLN C 8 -7.99 -7.47 4.37
C GLN C 8 -8.83 -8.74 4.49
N CYS C 9 -9.76 -8.77 5.46
CA CYS C 9 -10.59 -9.98 5.67
C CYS C 9 -11.83 -9.97 4.75
N MET D 1 22.57 -2.12 1.64
CA MET D 1 22.30 -1.98 0.18
C MET D 1 20.92 -1.32 -0.07
N LYS D 2 20.57 -1.17 -1.34
CA LYS D 2 19.29 -0.58 -1.73
C LYS D 2 18.90 -1.26 -3.05
N GLN D 3 17.59 -1.51 -3.21
CA GLN D 3 17.06 -2.19 -4.39
C GLN D 3 17.43 -1.49 -5.68
N GLU D 4 17.74 -2.28 -6.70
CA GLU D 4 18.11 -1.77 -7.99
C GLU D 4 17.68 -2.77 -9.06
N VAL D 5 16.71 -2.37 -9.88
CA VAL D 5 16.18 -3.21 -10.95
C VAL D 5 16.87 -2.87 -12.28
N THR D 6 17.24 -3.90 -13.04
CA THR D 6 17.94 -3.73 -14.32
C THR D 6 17.35 -4.61 -15.41
N GLN D 7 17.07 -4.02 -16.58
CA GLN D 7 16.50 -4.76 -17.71
C GLN D 7 17.40 -4.69 -18.94
N ILE D 8 17.91 -5.86 -19.36
CA ILE D 8 18.77 -5.95 -20.55
C ILE D 8 18.19 -7.02 -21.50
N PRO D 9 18.22 -6.76 -22.83
CA PRO D 9 18.76 -5.58 -23.48
C PRO D 9 17.87 -4.33 -23.30
N ALA D 10 18.47 -3.15 -23.46
CA ALA D 10 17.75 -1.88 -23.32
C ALA D 10 16.75 -1.70 -24.43
N ALA D 11 17.15 -2.02 -25.66
CA ALA D 11 16.29 -1.91 -26.85
C ALA D 11 16.24 -3.26 -27.54
N LEU D 12 15.21 -3.51 -28.35
CA LEU D 12 15.08 -4.79 -29.04
C LEU D 12 14.21 -4.70 -30.31
N SER D 13 14.81 -4.98 -31.47
CA SER D 13 14.13 -4.95 -32.78
C SER D 13 14.11 -6.35 -33.42
N VAL D 14 12.92 -6.82 -33.79
CA VAL D 14 12.75 -8.16 -34.38
C VAL D 14 11.58 -8.22 -35.37
N PRO D 15 11.55 -9.27 -36.24
CA PRO D 15 10.45 -9.45 -37.21
C PRO D 15 9.27 -10.18 -36.56
N GLU D 16 8.05 -9.92 -37.02
CA GLU D 16 6.87 -10.58 -36.40
C GLU D 16 6.93 -12.09 -36.54
N GLY D 17 6.25 -12.77 -35.62
CA GLY D 17 6.20 -14.22 -35.61
C GLY D 17 7.23 -14.84 -34.68
N GLU D 18 8.25 -14.07 -34.27
CA GLU D 18 9.28 -14.60 -33.37
C GLU D 18 8.90 -14.60 -31.91
N ASN D 19 9.45 -15.59 -31.21
CA ASN D 19 9.25 -15.77 -29.80
C ASN D 19 10.28 -14.90 -29.07
N LEU D 20 9.80 -13.93 -28.30
CA LEU D 20 10.68 -13.00 -27.57
C LEU D 20 10.89 -13.37 -26.10
N VAL D 21 12.03 -12.95 -25.57
CA VAL D 21 12.37 -13.17 -24.17
C VAL D 21 12.93 -11.86 -23.65
N LEU D 22 12.28 -11.27 -22.65
CA LEU D 22 12.76 -10.01 -22.05
C LEU D 22 13.21 -10.31 -20.62
N ASN D 23 14.30 -9.68 -20.21
CA ASN D 23 14.88 -9.90 -18.89
C ASN D 23 14.71 -8.76 -17.90
N CYS D 24 14.61 -9.13 -16.63
CA CYS D 24 14.45 -8.19 -15.52
C CYS D 24 15.16 -8.80 -14.32
N SER D 25 16.17 -8.11 -13.79
CA SER D 25 16.91 -8.61 -12.62
C SER D 25 16.94 -7.58 -11.50
N PHE D 26 17.08 -8.07 -10.27
CA PHE D 26 17.11 -7.22 -9.07
C PHE D 26 18.17 -7.71 -8.05
N THR D 27 18.80 -6.76 -7.38
CA THR D 27 19.87 -7.03 -6.41
C THR D 27 19.42 -7.39 -4.99
N ASP D 28 18.15 -7.14 -4.66
CA ASP D 28 17.65 -7.44 -3.33
C ASP D 28 16.48 -8.41 -3.46
N SER D 29 16.74 -9.67 -3.12
CA SER D 29 15.74 -10.74 -3.18
C SER D 29 14.56 -10.63 -2.21
N ALA D 30 14.67 -9.77 -1.19
CA ALA D 30 13.59 -9.60 -0.20
C ALA D 30 12.44 -8.76 -0.77
N ILE D 31 11.67 -9.35 -1.68
CA ILE D 31 10.56 -8.66 -2.34
C ILE D 31 9.19 -9.30 -2.05
N TYR D 32 8.15 -8.47 -2.07
CA TYR D 32 6.78 -8.95 -1.83
C TYR D 32 6.15 -9.40 -3.15
N ASN D 33 6.48 -8.72 -4.24
CA ASN D 33 5.97 -9.11 -5.55
C ASN D 33 6.86 -8.55 -6.65
N LEU D 34 6.48 -8.82 -7.89
CA LEU D 34 7.17 -8.31 -9.07
C LEU D 34 6.06 -8.14 -10.11
N GLN D 35 6.05 -7.01 -10.82
CA GLN D 35 5.00 -6.73 -11.79
C GLN D 35 5.50 -6.17 -13.12
N TRP D 36 4.96 -6.69 -14.24
CA TRP D 36 5.31 -6.24 -15.59
C TRP D 36 4.22 -5.32 -16.16
N PHE D 37 4.65 -4.19 -16.78
CA PHE D 37 3.74 -3.21 -17.38
C PHE D 37 4.13 -2.95 -18.83
N ARG D 38 3.22 -2.31 -19.54
CA ARG D 38 3.39 -1.93 -20.92
C ARG D 38 3.10 -0.44 -21.00
N GLN D 39 3.83 0.29 -21.84
CA GLN D 39 3.59 1.73 -22.00
C GLN D 39 3.97 2.17 -23.41
N ASP D 40 3.01 2.81 -24.10
CA ASP D 40 3.23 3.32 -25.47
C ASP D 40 3.44 4.83 -25.37
N PRO D 41 4.11 5.44 -26.38
CA PRO D 41 4.37 6.90 -26.36
C PRO D 41 3.12 7.77 -26.17
N GLY D 42 3.16 8.67 -25.18
CA GLY D 42 2.04 9.58 -24.90
C GLY D 42 0.79 8.91 -24.33
N LYS D 43 0.96 7.74 -23.73
CA LYS D 43 -0.16 7.01 -23.14
C LYS D 43 0.22 6.52 -21.73
N GLY D 44 -0.75 5.94 -21.02
CA GLY D 44 -0.53 5.45 -19.66
C GLY D 44 0.12 4.09 -19.60
N LEU D 45 0.16 3.50 -18.41
CA LEU D 45 0.75 2.17 -18.22
C LEU D 45 -0.31 1.11 -18.02
N THR D 46 -0.20 0.02 -18.79
CA THR D 46 -1.10 -1.10 -18.70
C THR D 46 -0.33 -2.24 -18.03
N SER D 47 -0.92 -2.83 -16.99
CA SER D 47 -0.32 -3.94 -16.27
C SER D 47 -0.50 -5.21 -17.10
N LEU D 48 0.54 -6.04 -17.15
CA LEU D 48 0.49 -7.29 -17.91
C LEU D 48 0.38 -8.51 -17.00
N LEU D 49 1.35 -8.69 -16.12
CA LEU D 49 1.37 -9.83 -15.19
C LEU D 49 1.89 -9.40 -13.82
N LEU D 50 1.40 -10.09 -12.78
CA LEU D 50 1.81 -9.85 -11.41
C LEU D 50 2.21 -11.20 -10.81
N ILE D 51 3.44 -11.30 -10.32
CA ILE D 51 3.92 -12.55 -9.72
C ILE D 51 4.40 -12.29 -8.28
N GLN D 52 3.73 -12.96 -7.33
CA GLN D 52 4.02 -12.82 -5.90
C GLN D 52 5.21 -13.69 -5.51
N SER D 53 5.83 -13.37 -4.39
CA SER D 53 7.00 -14.09 -3.89
C SER D 53 6.76 -15.60 -3.63
N SER D 54 5.50 -15.99 -3.37
CA SER D 54 5.16 -17.40 -3.13
C SER D 54 5.15 -18.17 -4.47
N GLN D 55 4.36 -17.66 -5.42
CA GLN D 55 4.24 -18.27 -6.77
C GLN D 55 5.48 -17.94 -7.63
N ARG D 56 5.72 -18.75 -8.66
CA ARG D 56 6.89 -18.56 -9.55
C ARG D 56 6.58 -18.41 -11.05
N GLU D 57 5.32 -18.24 -11.42
CA GLU D 57 4.96 -18.08 -12.84
C GLU D 57 3.49 -17.69 -13.06
N GLN D 58 3.24 -16.84 -14.06
CA GLN D 58 1.89 -16.38 -14.40
C GLN D 58 1.73 -16.35 -15.92
N THR D 59 0.50 -16.54 -16.40
CA THR D 59 0.21 -16.57 -17.84
C THR D 59 -1.02 -15.73 -18.23
N SER D 60 -0.97 -15.13 -19.41
CA SER D 60 -2.05 -14.30 -19.97
C SER D 60 -1.93 -14.24 -21.49
N GLY D 61 -2.53 -15.21 -22.17
CA GLY D 61 -2.50 -15.28 -23.62
C GLY D 61 -1.12 -15.66 -24.12
N ARG D 62 -0.60 -14.89 -25.08
CA ARG D 62 0.73 -15.14 -25.63
C ARG D 62 1.86 -14.70 -24.68
N LEU D 63 1.48 -14.11 -23.54
CA LEU D 63 2.45 -13.64 -22.53
C LEU D 63 2.54 -14.55 -21.33
N ASN D 64 3.74 -14.72 -20.82
CA ASN D 64 3.99 -15.50 -19.61
C ASN D 64 5.32 -15.09 -18.96
N ALA D 65 5.29 -14.88 -17.65
CA ALA D 65 6.48 -14.48 -16.88
C ALA D 65 6.79 -15.54 -15.84
N SER D 66 8.02 -15.52 -15.36
CA SER D 66 8.47 -16.47 -14.34
C SER D 66 9.36 -15.74 -13.36
N LEU D 67 9.10 -15.93 -12.07
CA LEU D 67 9.86 -15.27 -11.01
C LEU D 67 10.84 -16.24 -10.34
N ASP D 68 12.11 -15.86 -10.34
CA ASP D 68 13.14 -16.65 -9.70
C ASP D 68 13.68 -15.73 -8.59
N LYS D 69 12.80 -15.46 -7.62
CA LYS D 69 13.09 -14.58 -6.45
C LYS D 69 14.47 -14.81 -5.84
N SER D 70 14.74 -16.06 -5.50
CA SER D 70 16.01 -16.47 -4.89
C SER D 70 17.25 -16.02 -5.69
N SER D 71 17.15 -16.02 -7.02
CA SER D 71 18.26 -15.61 -7.90
C SER D 71 18.19 -14.12 -8.29
N GLY D 72 17.12 -13.45 -7.89
CA GLY D 72 16.96 -12.04 -8.19
C GLY D 72 16.78 -11.74 -9.66
N SER D 73 15.94 -12.52 -10.34
CA SER D 73 15.69 -12.31 -11.76
C SER D 73 14.36 -12.89 -12.24
N SER D 74 13.74 -12.19 -13.20
CA SER D 74 12.47 -12.59 -13.81
C SER D 74 12.59 -12.49 -15.32
N THR D 75 11.95 -13.42 -16.02
CA THR D 75 11.98 -13.45 -17.48
C THR D 75 10.57 -13.38 -18.06
N LEU D 76 10.34 -12.41 -18.95
CA LEU D 76 9.04 -12.26 -19.63
C LEU D 76 9.15 -12.89 -21.01
N TYR D 77 8.21 -13.78 -21.32
CA TYR D 77 8.17 -14.48 -22.59
C TYR D 77 6.97 -13.99 -23.43
N ILE D 78 7.24 -13.70 -24.71
CA ILE D 78 6.19 -13.24 -25.62
C ILE D 78 6.18 -14.18 -26.83
N ALA D 79 5.10 -14.95 -26.96
CA ALA D 79 4.93 -15.92 -28.03
C ALA D 79 4.47 -15.27 -29.34
N ALA D 80 4.98 -15.76 -30.47
CA ALA D 80 4.61 -15.26 -31.82
C ALA D 80 4.36 -13.75 -31.88
N SER D 81 5.40 -12.96 -31.61
CA SER D 81 5.29 -11.48 -31.58
C SER D 81 4.48 -10.85 -32.73
N GLN D 82 3.81 -9.75 -32.42
CA GLN D 82 2.98 -9.02 -33.37
C GLN D 82 3.35 -7.54 -33.34
N PRO D 83 3.00 -6.78 -34.41
CA PRO D 83 3.29 -5.34 -34.40
C PRO D 83 2.58 -4.63 -33.24
N GLY D 84 1.44 -5.17 -32.82
CA GLY D 84 0.67 -4.62 -31.72
C GLY D 84 1.37 -4.74 -30.37
N ASP D 85 2.48 -5.49 -30.33
CA ASP D 85 3.28 -5.69 -29.12
C ASP D 85 4.43 -4.67 -29.01
N SER D 86 4.58 -3.79 -30.00
CA SER D 86 5.61 -2.78 -29.99
C SER D 86 5.27 -1.81 -28.89
N ALA D 87 6.20 -1.65 -27.94
CA ALA D 87 6.00 -0.74 -26.78
C ALA D 87 7.19 -0.83 -25.86
N THR D 88 7.14 -0.04 -24.78
CA THR D 88 8.18 -0.09 -23.77
C THR D 88 7.66 -1.04 -22.66
N TYR D 89 8.46 -2.04 -22.31
CA TYR D 89 8.09 -3.01 -21.27
C TYR D 89 8.88 -2.72 -19.99
N LEU D 90 8.13 -2.44 -18.91
CA LEU D 90 8.69 -2.12 -17.60
C LEU D 90 8.43 -3.19 -16.54
N CYS D 91 9.41 -3.41 -15.65
CA CYS D 91 9.23 -4.39 -14.55
C CYS D 91 9.51 -3.61 -13.26
N ALA D 92 8.76 -3.94 -12.21
CA ALA D 92 8.92 -3.30 -10.91
C ALA D 92 8.76 -4.32 -9.79
N VAL D 93 9.31 -3.99 -8.61
CA VAL D 93 9.22 -4.87 -7.44
C VAL D 93 8.82 -4.03 -6.22
N ARG D 94 8.23 -4.69 -5.21
CA ARG D 94 7.80 -4.03 -3.97
C ARG D 94 8.63 -4.69 -2.88
N PRO D 95 9.06 -3.91 -1.83
CA PRO D 95 9.89 -4.50 -0.75
C PRO D 95 9.09 -5.31 0.28
N LEU D 96 9.74 -6.31 0.85
CA LEU D 96 9.13 -7.21 1.84
C LEU D 96 9.39 -6.85 3.28
N LEU D 97 10.55 -6.21 3.54
CA LEU D 97 10.99 -5.89 4.89
C LEU D 97 11.31 -4.40 5.23
N ASP D 98 11.77 -3.59 4.28
CA ASP D 98 12.19 -2.18 4.59
C ASP D 98 11.14 -1.23 5.23
N GLY D 99 9.87 -1.59 5.21
CA GLY D 99 8.82 -0.76 5.83
C GLY D 99 8.47 0.55 5.14
N THR D 100 8.93 0.75 3.91
CA THR D 100 8.66 1.97 3.14
C THR D 100 7.55 1.78 2.08
N TYR D 101 7.41 0.55 1.58
CA TYR D 101 6.41 0.14 0.56
C TYR D 101 6.61 0.78 -0.82
N ILE D 102 7.70 1.51 -0.99
CA ILE D 102 8.03 2.18 -2.24
C ILE D 102 8.46 1.17 -3.32
N PRO D 103 7.78 1.17 -4.49
CA PRO D 103 8.18 0.25 -5.56
C PRO D 103 9.46 0.73 -6.23
N THR D 104 10.12 -0.15 -6.97
CA THR D 104 11.37 0.20 -7.65
C THR D 104 11.26 -0.24 -9.13
N PHE D 105 11.24 0.75 -10.02
CA PHE D 105 11.14 0.52 -11.46
C PHE D 105 12.49 0.39 -12.14
N GLY D 106 12.51 -0.35 -13.24
CA GLY D 106 13.70 -0.53 -14.05
C GLY D 106 13.65 0.52 -15.16
N ARG D 107 14.75 0.66 -15.90
CA ARG D 107 14.81 1.65 -16.99
C ARG D 107 13.88 1.29 -18.18
N GLY D 108 13.52 0.01 -18.29
CA GLY D 108 12.61 -0.48 -19.34
C GLY D 108 13.27 -0.99 -20.60
N THR D 109 12.55 -1.84 -21.33
CA THR D 109 13.04 -2.40 -22.60
C THR D 109 12.15 -1.90 -23.75
N SER D 110 12.77 -1.21 -24.71
CA SER D 110 12.07 -0.67 -25.88
C SER D 110 11.91 -1.77 -26.92
N LEU D 111 10.67 -2.11 -27.24
CA LEU D 111 10.39 -3.17 -28.22
C LEU D 111 9.71 -2.64 -29.48
N ILE D 112 10.17 -3.16 -30.61
CA ILE D 112 9.61 -2.81 -31.91
C ILE D 112 9.53 -4.08 -32.71
N VAL D 113 8.31 -4.56 -32.95
CA VAL D 113 8.07 -5.75 -33.75
C VAL D 113 7.68 -5.27 -35.14
N HIS D 114 8.52 -5.60 -36.13
CA HIS D 114 8.28 -5.19 -37.53
C HIS D 114 7.45 -6.17 -38.31
N PRO D 115 6.53 -5.66 -39.15
CA PRO D 115 5.68 -6.52 -39.96
C PRO D 115 6.43 -7.07 -41.17
N TYR D 116 6.00 -8.25 -41.64
CA TYR D 116 6.61 -8.90 -42.80
C TYR D 116 5.90 -8.42 -44.05
N ILE D 117 6.60 -7.63 -44.86
CA ILE D 117 6.03 -7.09 -46.12
C ILE D 117 6.37 -8.12 -47.23
N GLN D 118 5.40 -8.98 -47.51
CA GLN D 118 5.54 -10.06 -48.49
C GLN D 118 5.73 -9.62 -49.94
N ASN D 119 4.96 -8.62 -50.34
CA ASN D 119 5.01 -8.08 -51.71
C ASN D 119 5.29 -6.57 -51.73
N PRO D 120 6.55 -6.17 -51.46
CA PRO D 120 6.89 -4.75 -51.44
C PRO D 120 6.69 -4.06 -52.78
N ASP D 121 6.20 -2.83 -52.75
CA ASP D 121 5.97 -2.07 -53.94
C ASP D 121 6.26 -0.60 -53.61
N PRO D 122 7.48 -0.33 -53.15
CA PRO D 122 7.88 1.01 -52.73
C PRO D 122 7.59 2.07 -53.78
N ALA D 123 7.03 3.19 -53.35
CA ALA D 123 6.71 4.28 -54.24
C ALA D 123 6.36 5.51 -53.43
N VAL D 124 6.46 6.68 -54.08
CA VAL D 124 6.15 7.97 -53.45
C VAL D 124 5.04 8.62 -54.29
N TYR D 125 3.91 8.91 -53.66
CA TYR D 125 2.75 9.53 -54.34
C TYR D 125 2.52 10.95 -53.84
N GLN D 126 1.72 11.72 -54.57
CA GLN D 126 1.41 13.10 -54.18
C GLN D 126 -0.10 13.27 -53.96
N LEU D 127 -0.46 13.70 -52.74
CA LEU D 127 -1.86 13.90 -52.35
C LEU D 127 -2.20 15.39 -52.25
N ARG D 128 -3.36 15.75 -52.81
CA ARG D 128 -3.85 17.13 -52.84
C ARG D 128 -4.85 17.36 -51.71
N ASP D 129 -4.84 18.57 -51.16
CA ASP D 129 -5.75 18.95 -50.07
C ASP D 129 -7.19 18.90 -50.60
N SER D 130 -8.08 18.23 -49.87
CA SER D 130 -9.48 18.11 -50.29
C SER D 130 -10.22 19.46 -50.27
N LYS D 131 -9.75 20.38 -49.43
CA LYS D 131 -10.34 21.72 -49.28
C LYS D 131 -9.97 22.63 -50.43
N SER D 132 -8.67 22.74 -50.69
CA SER D 132 -8.18 23.59 -51.76
C SER D 132 -6.78 23.19 -52.18
N SER D 133 -6.68 22.49 -53.31
CA SER D 133 -5.39 22.05 -53.83
C SER D 133 -4.43 23.23 -54.07
N ASP D 134 -3.16 22.87 -54.15
CA ASP D 134 -1.98 23.76 -54.32
C ASP D 134 -1.15 23.42 -53.07
N LYS D 135 -1.87 22.93 -52.04
CA LYS D 135 -1.28 22.46 -50.79
C LYS D 135 -1.21 20.96 -51.03
N SER D 136 -0.05 20.37 -50.75
CA SER D 136 0.12 18.95 -50.97
C SER D 136 0.97 18.28 -49.91
N VAL D 137 0.96 16.96 -49.98
CA VAL D 137 1.70 16.05 -49.14
C VAL D 137 2.34 14.97 -50.02
N CYS D 138 3.45 14.40 -49.56
CA CYS D 138 4.15 13.33 -50.28
C CYS D 138 4.04 12.12 -49.39
N LEU D 139 3.63 10.98 -49.95
CA LEU D 139 3.43 9.73 -49.23
C LEU D 139 4.33 8.58 -49.72
N PHE D 140 5.37 8.24 -48.95
CA PHE D 140 6.25 7.13 -49.30
C PHE D 140 5.65 5.89 -48.66
N THR D 141 5.20 4.91 -49.47
CA THR D 141 4.54 3.71 -48.91
C THR D 141 4.89 2.38 -49.59
N ASP D 142 4.48 1.28 -48.92
CA ASP D 142 4.64 -0.11 -49.39
C ASP D 142 6.08 -0.64 -49.47
N PHE D 143 6.97 -0.06 -48.69
CA PHE D 143 8.37 -0.50 -48.66
C PHE D 143 8.51 -1.58 -47.56
N ASP D 144 9.58 -2.38 -47.61
CA ASP D 144 9.77 -3.43 -46.60
C ASP D 144 10.33 -2.88 -45.27
N SER D 145 10.24 -3.70 -44.22
CA SER D 145 10.69 -3.30 -42.87
C SER D 145 12.23 -3.23 -42.71
N GLN D 146 12.95 -3.58 -43.76
CA GLN D 146 14.40 -3.51 -43.74
C GLN D 146 14.87 -2.19 -44.36
N THR D 147 13.92 -1.30 -44.65
CA THR D 147 14.20 0.01 -45.22
C THR D 147 14.13 1.06 -44.14
N ASN D 148 15.09 1.99 -44.14
CA ASN D 148 15.13 3.07 -43.15
C ASN D 148 14.81 4.44 -43.76
N VAL D 149 13.75 5.07 -43.27
CA VAL D 149 13.35 6.40 -43.74
C VAL D 149 14.23 7.43 -43.04
N SER D 150 15.12 8.08 -43.81
CA SER D 150 16.01 9.09 -43.25
C SER D 150 15.20 10.31 -42.86
N GLN D 151 15.58 10.95 -41.76
CA GLN D 151 14.84 12.13 -41.29
C GLN D 151 15.26 13.34 -42.15
N SER D 152 14.47 14.41 -42.09
CA SER D 152 14.72 15.64 -42.86
C SER D 152 16.12 16.22 -42.79
N LYS D 153 16.54 16.86 -43.88
CA LYS D 153 17.87 17.50 -43.99
C LYS D 153 17.81 18.98 -44.42
N ASP D 154 16.64 19.60 -44.24
CA ASP D 154 16.39 21.00 -44.59
C ASP D 154 15.42 21.55 -43.55
N SER D 155 15.62 22.80 -43.15
CA SER D 155 14.76 23.45 -42.14
C SER D 155 13.30 23.62 -42.56
N ASP D 156 13.05 23.71 -43.87
CA ASP D 156 11.67 23.88 -44.38
C ASP D 156 11.01 22.56 -44.88
N VAL D 157 11.73 21.44 -44.80
CA VAL D 157 11.19 20.11 -45.22
C VAL D 157 10.93 19.28 -43.95
N TYR D 158 9.77 18.64 -43.87
CA TYR D 158 9.40 17.83 -42.70
C TYR D 158 9.11 16.38 -43.08
N ILE D 159 9.94 15.46 -42.61
CA ILE D 159 9.79 14.03 -42.90
C ILE D 159 9.45 13.29 -41.62
N THR D 160 8.33 12.59 -41.61
CA THR D 160 7.91 11.85 -40.41
C THR D 160 8.62 10.50 -40.34
N ASP D 161 8.43 9.81 -39.23
CA ASP D 161 9.00 8.50 -39.00
C ASP D 161 8.03 7.49 -39.63
N LYS D 162 8.45 6.24 -39.82
CA LYS D 162 7.54 5.24 -40.40
C LYS D 162 6.48 4.78 -39.39
N CYS D 163 5.29 4.40 -39.87
N CYS D 163 5.33 4.36 -39.91
CA CYS D 163 4.22 3.85 -39.00
CA CYS D 163 4.19 3.96 -39.12
C CYS D 163 3.58 2.71 -39.77
C CYS D 163 3.54 2.72 -39.80
N VAL D 164 3.16 1.70 -39.03
CA VAL D 164 2.56 0.50 -39.59
C VAL D 164 1.04 0.50 -39.43
N LEU D 165 0.33 0.41 -40.55
CA LEU D 165 -1.14 0.35 -40.53
C LEU D 165 -1.53 -1.08 -40.84
N ASP D 166 -2.68 -1.49 -40.35
CA ASP D 166 -3.13 -2.86 -40.52
C ASP D 166 -4.60 -2.94 -40.95
N MET D 167 -4.80 -3.30 -42.22
CA MET D 167 -6.12 -3.47 -42.80
C MET D 167 -6.54 -4.89 -42.41
N ARG D 168 -7.16 -4.99 -41.24
CA ARG D 168 -7.61 -6.28 -40.65
C ARG D 168 -8.54 -7.11 -41.52
N SER D 169 -9.58 -6.47 -42.04
CA SER D 169 -10.58 -7.14 -42.89
C SER D 169 -10.01 -7.89 -44.12
N MET D 170 -8.83 -7.48 -44.58
CA MET D 170 -8.18 -8.12 -45.74
C MET D 170 -6.73 -8.60 -45.42
N ASP D 171 -6.52 -9.01 -44.16
CA ASP D 171 -5.21 -9.53 -43.64
C ASP D 171 -4.01 -8.92 -44.38
N PHE D 172 -3.90 -7.60 -44.29
CA PHE D 172 -2.83 -6.85 -44.97
C PHE D 172 -2.37 -5.67 -44.12
N LYS D 173 -1.05 -5.51 -44.02
CA LYS D 173 -0.45 -4.41 -43.26
C LYS D 173 0.72 -3.80 -44.04
N SER D 174 0.83 -2.47 -44.00
CA SER D 174 1.89 -1.76 -44.73
C SER D 174 2.58 -0.61 -43.95
N ASN D 175 3.82 -0.31 -44.36
CA ASN D 175 4.65 0.76 -43.78
C ASN D 175 4.43 2.03 -44.59
N SER D 176 4.72 3.19 -43.99
CA SER D 176 4.57 4.50 -44.70
C SER D 176 5.21 5.66 -43.94
N ALA D 177 5.53 6.72 -44.67
CA ALA D 177 6.12 7.94 -44.12
C ALA D 177 5.51 9.12 -44.89
N VAL D 178 5.43 10.30 -44.26
CA VAL D 178 4.85 11.51 -44.90
C VAL D 178 5.86 12.67 -45.00
N ALA D 179 5.75 13.49 -46.03
CA ALA D 179 6.63 14.64 -46.22
C ALA D 179 5.88 15.85 -46.73
N TRP D 180 6.16 17.02 -46.16
CA TRP D 180 5.52 18.25 -46.61
C TRP D 180 6.52 19.39 -46.52
N SER D 181 6.21 20.49 -47.18
CA SER D 181 7.09 21.64 -47.18
C SER D 181 6.38 22.82 -47.82
N ASN D 182 6.93 24.02 -47.57
CA ASN D 182 6.38 25.25 -48.14
C ASN D 182 7.38 25.91 -49.10
N LYS D 183 8.48 25.23 -49.40
CA LYS D 183 9.49 25.79 -50.31
C LYS D 183 8.94 25.83 -51.73
N SER D 184 9.37 26.85 -52.46
CA SER D 184 8.94 27.06 -53.85
C SER D 184 9.37 25.94 -54.80
N ASP D 185 10.60 25.45 -54.61
CA ASP D 185 11.16 24.40 -55.46
C ASP D 185 10.61 23.00 -55.18
N PHE D 186 10.45 22.69 -53.89
CA PHE D 186 9.97 21.37 -53.40
C PHE D 186 9.04 20.54 -54.31
N ALA D 187 9.38 19.26 -54.47
CA ALA D 187 8.63 18.31 -55.27
C ALA D 187 8.80 16.91 -54.67
N CYS D 188 7.70 16.13 -54.66
CA CYS D 188 7.70 14.77 -54.08
C CYS D 188 8.69 13.77 -54.66
N ALA D 189 9.15 14.00 -55.89
CA ALA D 189 10.11 13.10 -56.53
C ALA D 189 11.43 13.06 -55.73
N ASN D 190 11.85 14.22 -55.23
CA ASN D 190 13.10 14.35 -54.45
C ASN D 190 12.83 14.60 -52.95
N ALA D 191 11.63 14.27 -52.48
CA ALA D 191 11.25 14.47 -51.08
C ALA D 191 12.04 13.59 -50.12
N PHE D 192 11.98 12.28 -50.34
CA PHE D 192 12.69 11.34 -49.50
C PHE D 192 14.10 11.07 -50.07
N ASN D 193 14.30 9.93 -50.73
CA ASN D 193 15.60 9.56 -51.34
C ASN D 193 16.74 9.37 -50.31
N ASN D 194 16.41 9.29 -49.02
CA ASN D 194 17.41 9.13 -47.94
C ASN D 194 18.50 10.22 -47.87
N SER D 195 19.27 10.39 -48.95
CA SER D 195 20.34 11.39 -49.03
C SER D 195 19.76 12.82 -49.13
N MET E 1 -14.63 -0.12 -8.91
CA MET E 1 -13.22 -0.62 -8.91
C MET E 1 -12.36 0.03 -10.00
N GLY E 2 -11.71 1.16 -9.64
CA GLY E 2 -10.83 1.87 -10.58
C GLY E 2 -10.24 3.16 -9.99
N VAL E 3 -9.16 3.64 -10.63
CA VAL E 3 -8.48 4.86 -10.22
C VAL E 3 -8.89 5.97 -11.20
N THR E 4 -9.38 7.08 -10.68
CA THR E 4 -9.83 8.22 -11.52
C THR E 4 -9.04 9.49 -11.26
N GLN E 5 -8.43 10.05 -12.32
CA GLN E 5 -7.66 11.30 -12.23
C GLN E 5 -8.31 12.39 -13.04
N THR E 6 -8.28 13.62 -12.51
CA THR E 6 -8.82 14.81 -13.19
C THR E 6 -7.99 16.01 -12.76
N PRO E 7 -7.65 16.92 -13.71
CA PRO E 7 -7.95 16.91 -15.14
C PRO E 7 -6.92 16.11 -15.95
N LYS E 8 -7.30 15.71 -17.17
CA LYS E 8 -6.43 14.94 -18.07
C LYS E 8 -5.35 15.80 -18.71
N PHE E 9 -5.68 17.06 -18.98
CA PHE E 9 -4.76 18.02 -19.59
C PHE E 9 -4.98 19.33 -18.88
N GLN E 10 -3.95 20.17 -18.85
CA GLN E 10 -4.07 21.48 -18.20
C GLN E 10 -2.92 22.41 -18.54
N VAL E 11 -3.26 23.68 -18.81
CA VAL E 11 -2.27 24.72 -19.10
C VAL E 11 -2.29 25.69 -17.90
N LEU E 12 -1.11 26.09 -17.43
CA LEU E 12 -0.98 27.00 -16.29
C LEU E 12 0.02 28.09 -16.62
N LYS E 13 -0.15 29.23 -15.98
CA LYS E 13 0.73 30.36 -16.14
C LYS E 13 1.73 30.21 -15.00
N THR E 14 2.93 30.77 -15.16
CA THR E 14 3.96 30.69 -14.12
C THR E 14 3.50 31.46 -12.90
N GLY E 15 3.41 30.75 -11.77
CA GLY E 15 2.98 31.33 -10.52
C GLY E 15 1.65 30.77 -10.05
N GLN E 16 0.86 30.17 -10.96
CA GLN E 16 -0.44 29.61 -10.57
C GLN E 16 -0.35 28.34 -9.72
N SER E 17 -1.30 28.23 -8.82
CA SER E 17 -1.40 27.08 -7.96
C SER E 17 -2.52 26.25 -8.59
N MET E 18 -2.31 24.94 -8.65
CA MET E 18 -3.24 24.00 -9.24
C MET E 18 -3.35 22.75 -8.39
N THR E 19 -4.55 22.17 -8.33
CA THR E 19 -4.76 20.93 -7.59
C THR E 19 -5.18 19.84 -8.57
N LEU E 20 -4.55 18.67 -8.49
CA LEU E 20 -4.89 17.52 -9.32
C LEU E 20 -5.59 16.50 -8.42
N GLN E 21 -6.75 16.03 -8.83
CA GLN E 21 -7.51 15.04 -8.02
C GLN E 21 -7.21 13.58 -8.39
N CYS E 22 -7.42 12.68 -7.46
CA CYS E 22 -7.22 11.24 -7.70
C CYS E 22 -8.03 10.48 -6.69
N ALA E 23 -9.01 9.72 -7.19
CA ALA E 23 -9.90 8.91 -6.34
C ALA E 23 -9.87 7.43 -6.70
N GLN E 24 -10.26 6.57 -5.76
CA GLN E 24 -10.31 5.12 -5.98
C GLN E 24 -11.34 4.52 -5.04
N ASP E 25 -12.13 3.57 -5.54
CA ASP E 25 -13.23 2.93 -4.74
C ASP E 25 -13.01 1.44 -4.40
N MET E 26 -11.76 1.06 -4.17
CA MET E 26 -11.35 -0.32 -3.86
C MET E 26 -10.80 -0.53 -2.45
N ASN E 27 -10.83 0.53 -1.63
CA ASN E 27 -10.30 0.48 -0.25
C ASN E 27 -8.80 0.16 -0.18
N HIS E 28 -8.03 0.74 -1.12
CA HIS E 28 -6.58 0.58 -1.17
C HIS E 28 -5.96 1.47 -0.12
N GLU E 29 -5.10 0.92 0.73
CA GLU E 29 -4.47 1.73 1.77
C GLU E 29 -3.43 2.67 1.15
N TYR E 30 -2.75 2.18 0.12
CA TYR E 30 -1.68 2.92 -0.56
C TYR E 30 -2.11 3.75 -1.79
N MET E 31 -1.71 5.02 -1.81
CA MET E 31 -1.97 5.94 -2.94
C MET E 31 -0.73 6.79 -3.12
N SER E 32 -0.41 7.11 -4.39
CA SER E 32 0.79 7.85 -4.71
C SER E 32 0.75 8.67 -6.00
N TRP E 33 1.73 9.57 -6.15
CA TRP E 33 1.88 10.44 -7.35
C TRP E 33 3.28 10.38 -7.94
N TYR E 34 3.34 10.32 -9.26
CA TYR E 34 4.57 10.31 -10.04
C TYR E 34 4.54 11.43 -11.04
N ARG E 35 5.69 11.71 -11.62
CA ARG E 35 5.82 12.69 -12.69
C ARG E 35 6.81 12.02 -13.64
N GLN E 36 6.56 12.12 -14.94
CA GLN E 36 7.44 11.49 -15.91
C GLN E 36 7.63 12.43 -17.09
N ASP E 37 8.89 12.76 -17.39
CA ASP E 37 9.19 13.64 -18.50
C ASP E 37 9.22 12.79 -19.78
N PRO E 38 9.08 13.44 -20.97
CA PRO E 38 9.10 12.73 -22.25
C PRO E 38 10.32 11.84 -22.48
N GLY E 39 10.09 10.52 -22.48
CA GLY E 39 11.16 9.53 -22.69
C GLY E 39 12.01 9.22 -21.47
N MET E 40 11.59 9.70 -20.29
CA MET E 40 12.33 9.50 -19.05
C MET E 40 11.57 8.60 -18.09
N GLY E 41 12.21 8.24 -16.98
CA GLY E 41 11.62 7.35 -15.99
C GLY E 41 10.65 8.03 -15.04
N LEU E 42 9.90 7.20 -14.33
CA LEU E 42 8.92 7.63 -13.35
C LEU E 42 9.64 8.05 -12.09
N ARG E 43 9.21 9.17 -11.50
CA ARG E 43 9.80 9.69 -10.24
C ARG E 43 8.70 9.93 -9.24
N LEU E 44 8.86 9.42 -8.03
CA LEU E 44 7.84 9.54 -6.99
C LEU E 44 7.90 10.92 -6.33
N ILE E 45 6.75 11.56 -6.19
CA ILE E 45 6.62 12.88 -5.58
C ILE E 45 6.33 12.73 -4.08
N HIS E 46 5.13 12.19 -3.78
CA HIS E 46 4.69 11.93 -2.41
C HIS E 46 3.88 10.63 -2.45
N TYR E 47 3.54 10.10 -1.28
CA TYR E 47 2.71 8.87 -1.18
C TYR E 47 2.06 8.80 0.21
N SER E 48 1.25 7.77 0.43
CA SER E 48 0.52 7.62 1.69
C SER E 48 0.09 6.19 1.93
N VAL E 49 0.17 5.73 3.20
CA VAL E 49 -0.24 4.34 3.56
C VAL E 49 -1.64 4.26 4.28
N GLY E 50 -2.37 5.38 4.30
CA GLY E 50 -3.69 5.40 4.92
C GLY E 50 -4.15 6.80 5.22
N ALA E 51 -5.44 6.96 5.47
CA ALA E 51 -5.98 8.24 5.81
C ALA E 51 -5.28 8.70 7.09
N GLY E 52 -4.85 9.97 7.09
CA GLY E 52 -4.16 10.55 8.25
C GLY E 52 -2.63 10.59 8.20
N THR E 53 -2.01 10.09 7.14
CA THR E 53 -0.53 10.09 7.03
C THR E 53 -0.04 10.25 5.58
N THR E 54 1.15 10.81 5.39
CA THR E 54 1.76 11.00 4.05
C THR E 54 3.28 10.94 4.14
N ASP E 55 3.92 10.78 2.99
CA ASP E 55 5.39 10.68 2.93
C ASP E 55 5.96 11.27 1.65
N GLN E 56 7.22 11.69 1.73
CA GLN E 56 7.92 12.25 0.60
C GLN E 56 8.59 11.14 -0.23
N GLY E 57 8.57 11.31 -1.55
CA GLY E 57 9.18 10.39 -2.46
C GLY E 57 10.50 10.96 -2.92
N GLU E 58 10.84 10.71 -4.17
CA GLU E 58 12.09 11.20 -4.76
C GLU E 58 12.09 12.72 -4.97
N VAL E 59 10.96 13.29 -5.38
CA VAL E 59 10.85 14.74 -5.64
C VAL E 59 9.63 15.40 -5.00
N PRO E 60 9.72 15.71 -3.69
CA PRO E 60 8.63 16.34 -2.95
C PRO E 60 8.56 17.88 -3.09
N ASN E 61 9.69 18.53 -3.41
CA ASN E 61 9.74 20.01 -3.54
C ASN E 61 8.82 20.62 -4.58
N GLY E 62 8.04 21.62 -4.14
CA GLY E 62 7.08 22.31 -5.00
C GLY E 62 5.69 21.67 -4.96
N TYR E 63 5.57 20.50 -4.32
CA TYR E 63 4.30 19.78 -4.23
C TYR E 63 3.86 19.58 -2.80
N ASN E 64 2.54 19.45 -2.63
CA ASN E 64 1.91 19.21 -1.35
C ASN E 64 0.75 18.24 -1.57
N VAL E 65 0.55 17.32 -0.63
CA VAL E 65 -0.54 16.35 -0.71
C VAL E 65 -1.24 16.20 0.62
N SER E 66 -2.49 15.74 0.59
CA SER E 66 -3.25 15.49 1.82
C SER E 66 -3.92 14.11 1.65
N ARG E 67 -4.28 13.50 2.77
CA ARG E 67 -4.94 12.21 2.77
C ARG E 67 -5.88 12.17 3.99
N SER E 68 -6.95 12.95 3.91
CA SER E 68 -7.95 13.02 5.01
C SER E 68 -8.94 11.83 4.98
N THR E 69 -9.10 11.18 3.82
CA THR E 69 -9.99 10.00 3.68
C THR E 69 -9.25 8.95 2.86
N ILE E 70 -9.72 7.71 2.90
CA ILE E 70 -9.07 6.60 2.15
C ILE E 70 -9.32 6.66 0.65
N GLU E 71 -10.43 7.29 0.26
CA GLU E 71 -10.79 7.37 -1.15
C GLU E 71 -9.99 8.35 -2.01
N ASP E 72 -9.56 9.47 -1.42
CA ASP E 72 -8.86 10.54 -2.17
C ASP E 72 -7.38 10.87 -1.80
N PHE E 73 -6.60 11.30 -2.78
CA PHE E 73 -5.21 11.67 -2.59
C PHE E 73 -4.80 12.81 -3.56
N PRO E 74 -5.25 14.05 -3.26
CA PRO E 74 -4.92 15.20 -4.12
C PRO E 74 -3.45 15.62 -4.14
N LEU E 75 -3.06 16.30 -5.21
CA LEU E 75 -1.71 16.80 -5.39
C LEU E 75 -1.83 18.29 -5.69
N ARG E 76 -1.01 19.09 -5.03
CA ARG E 76 -1.01 20.52 -5.16
C ARG E 76 0.30 21.10 -5.62
N LEU E 77 0.25 21.98 -6.63
CA LEU E 77 1.42 22.69 -7.10
C LEU E 77 1.22 24.03 -6.41
N LEU E 78 2.18 24.44 -5.58
CA LEU E 78 2.05 25.69 -4.84
C LEU E 78 2.20 26.94 -5.71
N SER E 79 3.22 26.92 -6.56
CA SER E 79 3.52 28.04 -7.46
C SER E 79 4.10 27.40 -8.71
N ALA E 80 3.29 27.24 -9.75
CA ALA E 80 3.73 26.58 -10.98
C ALA E 80 4.99 27.19 -11.65
N ALA E 81 5.91 26.31 -12.02
CA ALA E 81 7.15 26.69 -12.67
C ALA E 81 7.37 25.91 -13.99
N PRO E 82 7.97 26.56 -15.00
CA PRO E 82 8.21 25.86 -16.26
C PRO E 82 8.82 24.46 -16.11
N SER E 83 9.61 24.26 -15.07
CA SER E 83 10.25 22.96 -14.84
C SER E 83 9.28 21.87 -14.44
N GLN E 84 8.07 22.25 -14.05
CA GLN E 84 7.05 21.31 -13.63
C GLN E 84 6.21 20.71 -14.78
N THR E 85 6.46 21.19 -16.01
CA THR E 85 5.82 20.68 -17.20
C THR E 85 6.18 19.20 -17.25
N SER E 86 5.16 18.34 -17.16
CA SER E 86 5.37 16.89 -17.15
C SER E 86 4.04 16.15 -17.21
N VAL E 87 4.12 14.82 -17.16
CA VAL E 87 2.93 13.96 -17.14
C VAL E 87 2.85 13.39 -15.74
N TYR E 88 1.73 13.66 -15.05
CA TYR E 88 1.50 13.20 -13.66
C TYR E 88 0.58 11.97 -13.51
N PHE E 89 1.13 10.88 -12.97
CA PHE E 89 0.38 9.63 -12.76
C PHE E 89 0.13 9.30 -11.30
N CYS E 90 -1.14 9.00 -10.99
CA CYS E 90 -1.56 8.62 -9.65
C CYS E 90 -1.62 7.12 -9.68
N ALA E 91 -1.20 6.48 -8.59
CA ALA E 91 -1.20 5.01 -8.52
C ALA E 91 -1.50 4.49 -7.11
N SER E 92 -2.50 3.62 -6.99
CA SER E 92 -2.91 3.04 -5.72
C SER E 92 -2.74 1.51 -5.64
N SER E 93 -2.88 0.96 -4.42
CA SER E 93 -2.77 -0.52 -4.21
C SER E 93 -3.13 -0.95 -2.78
N TYR E 94 -3.32 -2.24 -2.59
CA TYR E 94 -3.56 -2.70 -1.25
C TYR E 94 -2.19 -2.87 -0.66
N LEU E 95 -2.11 -2.86 0.67
CA LEU E 95 -0.86 -3.09 1.38
C LEU E 95 -1.09 -4.47 2.04
N GLY E 96 -1.33 -5.42 1.14
CA GLY E 96 -1.62 -6.81 1.43
C GLY E 96 -2.11 -7.42 0.11
N ASN E 97 -2.72 -8.59 0.18
CA ASN E 97 -3.24 -9.27 -1.01
C ASN E 97 -2.08 -9.47 -2.02
N THR E 98 -2.28 -9.13 -3.30
CA THR E 98 -1.23 -9.28 -4.30
C THR E 98 -0.27 -8.07 -4.28
N GLY E 99 -0.76 -6.94 -3.77
CA GLY E 99 0.03 -5.70 -3.68
C GLY E 99 0.22 -5.08 -5.06
N GLU E 100 -0.67 -5.44 -5.97
CA GLU E 100 -0.65 -4.97 -7.34
C GLU E 100 -0.89 -3.49 -7.41
N LEU E 101 -0.11 -2.83 -8.24
CA LEU E 101 -0.16 -1.40 -8.42
C LEU E 101 -1.15 -1.08 -9.57
N PHE E 102 -2.06 -0.12 -9.32
CA PHE E 102 -3.09 0.33 -10.29
C PHE E 102 -2.91 1.80 -10.71
N PHE E 103 -2.48 2.03 -11.94
CA PHE E 103 -2.25 3.40 -12.48
C PHE E 103 -3.45 4.09 -13.11
N GLY E 104 -3.55 5.39 -12.87
CA GLY E 104 -4.63 6.21 -13.43
C GLY E 104 -4.27 6.54 -14.87
N GLU E 105 -5.17 7.19 -15.61
CA GLU E 105 -4.90 7.54 -17.02
C GLU E 105 -3.76 8.55 -17.28
N GLY E 106 -3.38 9.31 -16.26
CA GLY E 106 -2.32 10.30 -16.40
C GLY E 106 -2.94 11.68 -16.62
N SER E 107 -2.22 12.72 -16.16
CA SER E 107 -2.63 14.13 -16.29
C SER E 107 -1.47 14.87 -16.95
N ARG E 108 -1.73 15.50 -18.08
CA ARG E 108 -0.69 16.19 -18.83
C ARG E 108 -0.70 17.71 -18.54
N LEU E 109 0.35 18.19 -17.86
CA LEU E 109 0.52 19.61 -17.47
C LEU E 109 1.66 20.35 -18.16
N THR E 110 1.36 21.54 -18.69
CA THR E 110 2.37 22.38 -19.36
C THR E 110 2.30 23.77 -18.72
N VAL E 111 3.38 24.18 -18.05
CA VAL E 111 3.45 25.50 -17.39
C VAL E 111 4.18 26.50 -18.31
N LEU E 112 3.48 27.59 -18.68
CA LEU E 112 4.01 28.62 -19.58
C LEU E 112 4.28 29.95 -18.94
N GLU E 113 5.28 30.65 -19.48
CA GLU E 113 5.66 31.95 -19.01
C GLU E 113 4.64 32.97 -19.58
N ASP E 114 4.27 32.78 -20.86
CA ASP E 114 3.32 33.65 -21.55
C ASP E 114 2.24 32.80 -22.23
N LEU E 115 0.97 33.07 -21.93
CA LEU E 115 -0.15 32.31 -22.54
C LEU E 115 -0.51 32.76 -23.97
N LYS E 116 0.26 33.69 -24.55
CA LYS E 116 0.04 34.17 -25.92
C LYS E 116 0.67 33.21 -26.94
N ASN E 117 1.37 32.18 -26.44
CA ASN E 117 2.01 31.16 -27.29
C ASN E 117 1.14 29.95 -27.52
N VAL E 118 -0.08 29.99 -26.98
CA VAL E 118 -1.01 28.90 -27.11
C VAL E 118 -1.80 29.02 -28.41
N PHE E 119 -1.73 27.98 -29.24
CA PHE E 119 -2.43 27.94 -30.53
C PHE E 119 -3.15 26.61 -30.70
N PRO E 120 -4.37 26.65 -31.32
CA PRO E 120 -5.11 25.43 -31.57
C PRO E 120 -4.63 24.89 -32.91
N PRO E 121 -4.96 23.64 -33.24
CA PRO E 121 -4.46 23.20 -34.54
C PRO E 121 -5.34 23.61 -35.73
N GLU E 122 -4.72 23.57 -36.91
CA GLU E 122 -5.42 23.77 -38.16
C GLU E 122 -5.37 22.37 -38.72
N VAL E 123 -6.48 21.89 -39.26
CA VAL E 123 -6.51 20.54 -39.77
C VAL E 123 -6.91 20.47 -41.23
N ALA E 124 -6.23 19.58 -41.95
CA ALA E 124 -6.45 19.38 -43.33
C ALA E 124 -6.32 17.90 -43.66
N VAL E 125 -7.12 17.46 -44.64
CA VAL E 125 -7.13 16.07 -45.14
C VAL E 125 -6.77 16.12 -46.63
N PHE E 126 -5.82 15.27 -47.02
CA PHE E 126 -5.36 15.17 -48.40
C PHE E 126 -5.87 13.86 -48.96
N GLU E 127 -6.46 13.94 -50.16
CA GLU E 127 -7.08 12.78 -50.81
C GLU E 127 -6.11 11.76 -51.49
N PRO E 128 -6.52 10.47 -51.55
CA PRO E 128 -5.69 9.43 -52.19
C PRO E 128 -5.30 9.76 -53.64
N SER E 129 -4.05 9.44 -54.00
CA SER E 129 -3.55 9.67 -55.35
C SER E 129 -4.10 8.63 -56.30
N GLU E 130 -4.51 9.06 -57.50
CA GLU E 130 -5.04 8.10 -58.47
C GLU E 130 -3.95 7.09 -58.90
N ALA E 131 -2.68 7.51 -58.86
CA ALA E 131 -1.55 6.64 -59.20
C ALA E 131 -1.46 5.47 -58.17
N GLU E 132 -1.82 5.76 -56.91
CA GLU E 132 -1.81 4.73 -55.87
C GLU E 132 -2.94 3.75 -56.17
N ILE E 133 -4.11 4.31 -56.41
CA ILE E 133 -5.30 3.54 -56.73
C ILE E 133 -5.11 2.64 -57.94
N SER E 134 -4.60 3.20 -59.05
CA SER E 134 -4.39 2.41 -60.26
C SER E 134 -3.32 1.30 -60.09
N HIS E 135 -2.30 1.53 -59.24
CA HIS E 135 -1.25 0.51 -59.01
C HIS E 135 -1.54 -0.53 -57.93
N THR E 136 -2.22 -0.15 -56.85
CA THR E 136 -2.49 -1.06 -55.72
C THR E 136 -3.94 -1.46 -55.48
N GLN E 137 -4.88 -0.66 -55.97
CA GLN E 137 -6.33 -0.92 -55.76
C GLN E 137 -6.70 -0.62 -54.27
N LYS E 138 -5.86 0.19 -53.62
CA LYS E 138 -6.04 0.65 -52.24
C LYS E 138 -5.92 2.15 -52.33
N ALA E 139 -6.35 2.84 -51.27
CA ALA E 139 -6.32 4.30 -51.24
C ALA E 139 -6.02 4.81 -49.84
N THR E 140 -4.97 5.60 -49.72
CA THR E 140 -4.55 6.15 -48.43
C THR E 140 -4.85 7.64 -48.28
N LEU E 141 -5.61 7.98 -47.23
CA LEU E 141 -5.92 9.37 -46.92
C LEU E 141 -4.89 9.79 -45.87
N VAL E 142 -4.58 11.08 -45.82
CA VAL E 142 -3.63 11.60 -44.87
C VAL E 142 -4.23 12.82 -44.18
N CYS E 143 -4.15 12.85 -42.85
CA CYS E 143 -4.65 13.98 -42.06
C CYS E 143 -3.40 14.71 -41.57
N LEU E 144 -3.45 16.04 -41.56
CA LEU E 144 -2.32 16.82 -41.08
C LEU E 144 -2.80 17.96 -40.15
N ALA E 145 -2.44 17.86 -38.88
CA ALA E 145 -2.78 18.86 -37.87
C ALA E 145 -1.50 19.66 -37.69
N THR E 146 -1.57 20.98 -37.91
CA THR E 146 -0.41 21.85 -37.80
C THR E 146 -0.61 23.10 -36.96
N GLY E 147 0.52 23.65 -36.50
CA GLY E 147 0.57 24.89 -35.71
C GLY E 147 -0.03 24.90 -34.34
N PHE E 148 -0.07 23.74 -33.68
CA PHE E 148 -0.63 23.66 -32.35
C PHE E 148 0.41 23.75 -31.22
N TYR E 149 -0.01 24.40 -30.13
CA TYR E 149 0.83 24.56 -28.96
C TYR E 149 -0.05 24.78 -27.72
N PRO E 150 0.18 23.97 -26.66
CA PRO E 150 1.18 22.88 -26.52
C PRO E 150 0.70 21.53 -27.11
N ASP E 151 1.51 20.48 -26.94
CA ASP E 151 1.18 19.17 -27.45
C ASP E 151 0.06 18.49 -26.64
N HIS E 152 -1.18 19.04 -26.68
CA HIS E 152 -2.31 18.41 -25.98
C HIS E 152 -3.35 18.10 -27.04
N VAL E 153 -3.10 17.05 -27.82
CA VAL E 153 -4.00 16.65 -28.90
C VAL E 153 -4.31 15.15 -28.88
N GLU E 154 -5.51 14.82 -29.37
CA GLU E 154 -5.98 13.44 -29.49
C GLU E 154 -6.64 13.38 -30.89
N LEU E 155 -6.03 12.63 -31.80
CA LEU E 155 -6.53 12.52 -33.18
C LEU E 155 -7.23 11.20 -33.44
N SER E 156 -8.33 11.26 -34.18
CA SER E 156 -9.11 10.07 -34.50
C SER E 156 -9.75 10.11 -35.89
N TRP E 157 -10.18 8.94 -36.39
CA TRP E 157 -10.85 8.85 -37.71
C TRP E 157 -12.29 8.36 -37.56
N TRP E 158 -13.20 9.07 -38.22
CA TRP E 158 -14.61 8.78 -38.19
C TRP E 158 -15.15 8.55 -39.58
N VAL E 159 -15.43 7.30 -39.92
CA VAL E 159 -15.98 6.93 -41.22
C VAL E 159 -17.47 6.72 -41.06
N ASN E 160 -18.28 7.57 -41.69
CA ASN E 160 -19.76 7.50 -41.60
C ASN E 160 -20.32 7.68 -40.17
N GLY E 161 -19.83 8.69 -39.47
CA GLY E 161 -20.30 9.02 -38.10
C GLY E 161 -19.87 8.11 -36.95
N LYS E 162 -19.09 7.09 -37.25
CA LYS E 162 -18.62 6.14 -36.24
C LYS E 162 -17.10 5.94 -36.36
N GLU E 163 -16.43 5.96 -35.21
CA GLU E 163 -14.97 5.85 -35.10
C GLU E 163 -14.37 4.55 -35.62
N VAL E 164 -13.23 4.67 -36.32
CA VAL E 164 -12.53 3.52 -36.88
C VAL E 164 -11.10 3.41 -36.36
N HIS E 165 -10.59 2.17 -36.35
CA HIS E 165 -9.23 1.86 -35.91
C HIS E 165 -8.44 1.08 -36.99
N SER E 166 -9.11 0.12 -37.64
CA SER E 166 -8.46 -0.68 -38.68
C SER E 166 -7.98 0.21 -39.84
N GLY E 167 -6.79 -0.10 -40.36
CA GLY E 167 -6.19 0.66 -41.46
C GLY E 167 -5.58 2.00 -41.08
N VAL E 168 -5.52 2.31 -39.77
CA VAL E 168 -5.00 3.60 -39.27
C VAL E 168 -3.68 3.57 -38.49
N CYS E 169 -2.78 4.53 -38.76
N CYS E 169 -2.83 4.57 -38.73
CA CYS E 169 -1.50 4.66 -38.00
CA CYS E 169 -1.55 4.66 -38.02
C CYS E 169 -1.12 6.13 -37.91
C CYS E 169 -1.17 6.15 -37.92
N THR E 170 -1.19 6.67 -36.69
CA THR E 170 -0.84 8.06 -36.43
C THR E 170 0.56 8.11 -35.88
N ASP E 171 1.28 9.19 -36.17
CA ASP E 171 2.65 9.34 -35.66
C ASP E 171 2.58 9.22 -34.13
N PRO E 172 3.54 8.49 -33.53
CA PRO E 172 3.49 8.37 -32.07
C PRO E 172 3.78 9.70 -31.37
N GLN E 173 4.57 10.55 -32.02
CA GLN E 173 4.95 11.84 -31.47
C GLN E 173 4.89 12.92 -32.54
N PRO E 174 4.44 14.13 -32.17
CA PRO E 174 4.39 15.18 -33.14
C PRO E 174 5.79 15.72 -33.30
N LEU E 175 6.04 16.48 -34.35
CA LEU E 175 7.36 17.04 -34.56
C LEU E 175 7.34 18.55 -34.47
N LYS E 176 8.38 19.12 -33.87
CA LYS E 176 8.48 20.57 -33.71
C LYS E 176 8.77 21.19 -35.04
N GLU E 177 8.06 22.25 -35.35
CA GLU E 177 8.24 22.95 -36.61
C GLU E 177 9.56 23.76 -36.60
N GLN E 178 9.98 24.18 -35.41
CA GLN E 178 11.22 24.94 -35.20
C GLN E 178 11.94 24.31 -33.99
N PRO E 179 12.73 23.24 -34.23
CA PRO E 179 13.46 22.52 -33.18
C PRO E 179 14.31 23.35 -32.20
N ALA E 180 15.00 24.41 -32.68
CA ALA E 180 15.86 25.25 -31.81
C ALA E 180 15.09 26.30 -30.98
N LEU E 181 13.79 26.45 -31.24
CA LEU E 181 12.96 27.41 -30.51
C LEU E 181 12.14 26.72 -29.44
N ASN E 182 12.15 27.26 -28.23
CA ASN E 182 11.35 26.71 -27.15
C ASN E 182 9.96 27.29 -27.40
N ASP E 183 8.93 26.56 -27.04
CA ASP E 183 7.56 27.02 -27.27
C ASP E 183 7.19 26.98 -28.77
N SER E 184 7.93 26.16 -29.53
CA SER E 184 7.70 25.99 -30.95
C SER E 184 6.41 25.20 -31.15
N ARG E 185 5.61 25.64 -32.11
CA ARG E 185 4.33 25.02 -32.44
C ARG E 185 4.55 23.62 -33.04
N TYR E 186 3.56 22.73 -32.95
CA TYR E 186 3.72 21.35 -33.46
C TYR E 186 2.89 20.98 -34.68
N ALA E 187 3.32 19.88 -35.30
CA ALA E 187 2.66 19.30 -36.48
C ALA E 187 2.50 17.81 -36.15
N LEU E 188 1.46 17.17 -36.69
CA LEU E 188 1.17 15.73 -36.47
C LEU E 188 0.46 15.17 -37.69
N SER E 189 0.83 13.96 -38.13
CA SER E 189 0.19 13.34 -39.31
C SER E 189 -0.42 11.97 -38.98
N SER E 190 -1.35 11.53 -39.84
CA SER E 190 -2.02 10.26 -39.67
C SER E 190 -2.48 9.74 -41.01
N ARG E 191 -2.57 8.41 -41.15
CA ARG E 191 -3.01 7.79 -42.39
C ARG E 191 -4.14 6.82 -42.12
N LEU E 192 -5.12 6.81 -43.04
CA LEU E 192 -6.27 5.87 -43.00
C LEU E 192 -6.31 5.25 -44.39
N ARG E 193 -6.12 3.93 -44.49
CA ARG E 193 -6.13 3.28 -45.77
C ARG E 193 -7.36 2.37 -45.91
N VAL E 194 -7.98 2.42 -47.08
CA VAL E 194 -9.19 1.66 -47.39
C VAL E 194 -9.04 1.10 -48.80
N SER E 195 -9.94 0.20 -49.18
CA SER E 195 -9.88 -0.37 -50.53
C SER E 195 -10.31 0.71 -51.52
N ALA E 196 -9.75 0.68 -52.74
CA ALA E 196 -10.10 1.68 -53.77
C ALA E 196 -11.64 1.76 -53.97
N THR E 197 -12.32 0.61 -53.89
CA THR E 197 -13.77 0.53 -54.03
C THR E 197 -14.50 1.36 -52.99
N PHE E 198 -14.01 1.28 -51.75
CA PHE E 198 -14.62 1.99 -50.63
C PHE E 198 -14.42 3.50 -50.81
N TRP E 199 -13.22 3.92 -51.22
CA TRP E 199 -12.95 5.35 -51.46
C TRP E 199 -13.75 5.91 -52.65
N GLN E 200 -13.94 5.09 -53.69
CA GLN E 200 -14.68 5.53 -54.89
C GLN E 200 -16.21 5.50 -54.78
N ASP E 201 -16.72 5.29 -53.57
CA ASP E 201 -18.15 5.28 -53.32
C ASP E 201 -18.52 6.67 -52.73
N PRO E 202 -19.23 7.51 -53.51
CA PRO E 202 -19.59 8.85 -53.00
C PRO E 202 -20.48 8.94 -51.74
N ARG E 203 -21.04 7.82 -51.28
CA ARG E 203 -21.87 7.84 -50.07
C ARG E 203 -20.99 7.82 -48.80
N ASN E 204 -19.73 7.39 -48.94
CA ASN E 204 -18.80 7.33 -47.82
C ASN E 204 -18.32 8.71 -47.35
N HIS E 205 -18.26 8.88 -46.03
CA HIS E 205 -17.84 10.13 -45.41
C HIS E 205 -16.64 9.86 -44.50
N PHE E 206 -15.51 10.51 -44.81
CA PHE E 206 -14.26 10.37 -44.04
C PHE E 206 -13.98 11.67 -43.29
N ARG E 207 -13.78 11.58 -41.98
CA ARG E 207 -13.49 12.74 -41.17
C ARG E 207 -12.41 12.48 -40.11
N CYS E 208 -11.47 13.41 -40.03
CA CYS E 208 -10.37 13.36 -39.10
C CYS E 208 -10.61 14.43 -38.05
N GLN E 209 -10.69 14.06 -36.76
CA GLN E 209 -10.90 15.08 -35.75
C GLN E 209 -9.72 15.12 -34.81
N VAL E 210 -9.43 16.32 -34.36
CA VAL E 210 -8.36 16.56 -33.45
C VAL E 210 -8.92 17.32 -32.24
N GLN E 211 -9.06 16.62 -31.13
CA GLN E 211 -9.52 17.21 -29.90
C GLN E 211 -8.31 17.96 -29.35
N PHE E 212 -8.49 19.25 -29.05
CA PHE E 212 -7.41 20.07 -28.52
C PHE E 212 -7.75 20.56 -27.10
N TYR E 213 -6.77 20.54 -26.21
CA TYR E 213 -6.97 21.01 -24.83
C TYR E 213 -6.08 22.23 -24.68
N GLY E 214 -6.71 23.40 -24.58
CA GLY E 214 -5.99 24.65 -24.46
C GLY E 214 -6.22 25.38 -23.17
N LEU E 215 -6.70 26.63 -23.29
CA LEU E 215 -6.94 27.47 -22.13
C LEU E 215 -8.28 27.16 -21.47
N SER E 216 -8.35 27.45 -20.18
CA SER E 216 -9.56 27.22 -19.43
C SER E 216 -10.45 28.44 -19.56
N GLU E 217 -11.69 28.26 -19.15
CA GLU E 217 -12.72 29.27 -19.18
C GLU E 217 -12.30 30.63 -18.63
N ASN E 218 -11.73 30.64 -17.43
CA ASN E 218 -11.34 31.88 -16.75
C ASN E 218 -10.00 32.56 -17.13
N ASP E 219 -9.16 31.92 -17.95
CA ASP E 219 -7.87 32.56 -18.36
C ASP E 219 -8.10 33.83 -19.18
N GLU E 220 -7.20 34.81 -19.01
CA GLU E 220 -7.33 36.08 -19.73
C GLU E 220 -7.07 35.89 -21.22
N TRP E 221 -7.66 36.77 -22.02
CA TRP E 221 -7.47 36.73 -23.48
C TRP E 221 -8.10 37.94 -24.18
N THR E 222 -7.24 38.77 -24.78
CA THR E 222 -7.68 39.94 -25.52
C THR E 222 -6.89 40.13 -26.83
N GLN E 223 -6.35 39.03 -27.36
CA GLN E 223 -5.59 39.08 -28.60
C GLN E 223 -6.54 39.26 -29.77
N ASP E 224 -5.97 39.58 -30.93
CA ASP E 224 -6.74 39.82 -32.16
C ASP E 224 -7.38 38.51 -32.73
N ARG E 225 -6.85 37.35 -32.34
CA ARG E 225 -7.41 36.06 -32.79
C ARG E 225 -8.30 35.45 -31.69
N ALA E 226 -9.11 34.46 -32.07
CA ALA E 226 -10.02 33.77 -31.14
C ALA E 226 -9.25 33.13 -29.98
N LYS E 227 -9.90 33.05 -28.80
CA LYS E 227 -9.27 32.46 -27.62
C LYS E 227 -9.05 30.97 -27.89
N PRO E 228 -7.80 30.49 -27.71
CA PRO E 228 -7.48 29.07 -27.97
C PRO E 228 -7.91 28.12 -26.84
N VAL E 229 -9.22 27.98 -26.68
CA VAL E 229 -9.82 27.11 -25.69
C VAL E 229 -9.80 25.64 -26.12
N THR E 230 -10.25 24.76 -25.23
CA THR E 230 -10.34 23.33 -25.51
C THR E 230 -11.44 23.16 -26.57
N GLN E 231 -11.06 22.68 -27.74
CA GLN E 231 -11.99 22.53 -28.83
C GLN E 231 -11.63 21.42 -29.76
N ILE E 232 -12.62 21.03 -30.57
CA ILE E 232 -12.46 20.00 -31.59
C ILE E 232 -12.30 20.65 -32.96
N VAL E 233 -11.13 20.49 -33.57
CA VAL E 233 -10.88 21.02 -34.90
C VAL E 233 -10.81 19.80 -35.84
N SER E 234 -11.69 19.76 -36.84
CA SER E 234 -11.71 18.63 -37.77
C SER E 234 -11.70 19.05 -39.26
N ALA E 235 -11.45 18.07 -40.13
CA ALA E 235 -11.42 18.28 -41.58
C ALA E 235 -12.13 17.07 -42.16
N GLU E 236 -12.59 17.16 -43.40
CA GLU E 236 -13.30 16.03 -43.98
C GLU E 236 -13.21 15.89 -45.50
N ALA E 237 -13.47 14.68 -45.96
CA ALA E 237 -13.46 14.33 -47.37
C ALA E 237 -14.49 13.22 -47.61
N TRP E 238 -15.08 13.22 -48.80
CA TRP E 238 -16.07 12.24 -49.19
C TRP E 238 -15.50 11.38 -50.30
N GLY E 239 -16.10 10.22 -50.53
CA GLY E 239 -15.66 9.35 -51.59
C GLY E 239 -16.01 10.03 -52.88
N ARG E 240 -15.20 9.83 -53.91
CA ARG E 240 -15.47 10.47 -55.19
C ARG E 240 -15.22 9.52 -56.37
N ALA E 241 -16.26 9.37 -57.21
CA ALA E 241 -16.21 8.47 -58.36
C ALA E 241 -15.72 9.13 -59.67
N ASP E 242 -14.76 10.05 -59.57
CA ASP E 242 -14.21 10.71 -60.75
C ASP E 242 -13.16 9.82 -61.38
#